data_6JIJ
#
_entry.id   6JIJ
#
_cell.length_a   167.787
_cell.length_b   64.034
_cell.length_c   117.953
_cell.angle_alpha   90.00
_cell.angle_beta   125.97
_cell.angle_gamma   90.00
#
_symmetry.space_group_name_H-M   'C 1 2 1'
#
loop_
_entity.id
_entity.type
_entity.pdbx_description
1 polymer 'Replicative polyprotein 1ab'
2 polymer 02J-ALA-VAL-LEU-PJE-010
3 water water
#
loop_
_entity_poly.entity_id
_entity_poly.type
_entity_poly.pdbx_seq_one_letter_code
_entity_poly.pdbx_strand_id
1 'polypeptide(L)'
;SGIVKMVSPTSKVEPCIVSVTYGNMTLNGLWLDDKVYCPRHVICSDMTDPDYPNLLCRVTSSDFCVMSGRMSLTVMSYQM
QGCQLVLTVTLQNPNTPKYSFGVVKPGETFTVLAAYNGRPQGAFHVTLRSSHTIKGSFLCGSCGSVGYVLTGDSVRFVYM
HQLELSTGCHTGTDFSGNFYGPYRDAQVVQLPVQDYTQTVNVVAWLYAAIFNRCNWFVQSDSCSLEEFNVWAMTNGFSSI
KADLVLDALASMTGVTVEQVLAAIKRLHSGFQGKQILGSCVFEDELTPSDVYQQLAGVKLQ
;
B,C,A
2 'polypeptide(L)' (02J)AVL(PJE)(010) D,E,F
#
loop_
_chem_comp.id
_chem_comp.type
_chem_comp.name
_chem_comp.formula
010 non-polymer phenylmethanol 'C7 H8 O'
02J peptide-like '5-methyl-1,2-oxazole-3-carboxylic acid' 'C5 H5 N O3'
PJE peptide-like '(E,4S)-4-azanyl-5-[(3S)-2-oxidanylidenepyrrolidin-3-yl]pent-2-enoic acid' 'C9 H14 N2 O3'
#
# COMPACT_ATOMS: atom_id res chain seq x y z
N SER A 1 6.31 -1.72 -29.08
CA SER A 1 7.46 -1.80 -28.17
C SER A 1 7.15 -1.19 -26.80
N GLY A 2 5.90 -0.80 -26.60
CA GLY A 2 5.43 -0.42 -25.28
C GLY A 2 5.73 1.00 -24.82
N ILE A 3 4.76 1.60 -24.14
CA ILE A 3 4.84 2.98 -23.65
C ILE A 3 4.50 2.98 -22.17
N VAL A 4 5.39 3.51 -21.35
CA VAL A 4 5.17 3.65 -19.91
C VAL A 4 5.59 5.06 -19.49
N LYS A 5 5.21 5.42 -18.26
CA LYS A 5 5.78 6.60 -17.63
C LYS A 5 7.12 6.22 -17.02
N MET A 6 8.19 6.84 -17.48
CA MET A 6 9.51 6.52 -16.96
C MET A 6 9.92 7.54 -15.89
N VAL A 7 11.01 7.24 -15.20
CA VAL A 7 11.56 8.12 -14.18
C VAL A 7 13.05 8.30 -14.42
N SER A 8 13.56 9.44 -14.02
CA SER A 8 14.99 9.67 -14.11
C SER A 8 15.72 8.84 -13.05
N PRO A 9 16.87 8.27 -13.40
CA PRO A 9 17.69 7.59 -12.38
C PRO A 9 18.02 8.54 -11.23
N THR A 10 18.08 7.96 -10.03
CA THR A 10 18.11 8.73 -8.80
C THR A 10 19.49 8.78 -8.15
N SER A 11 20.54 8.38 -8.87
CA SER A 11 21.83 8.20 -8.20
C SER A 11 22.46 9.54 -7.80
N LYS A 12 22.15 10.62 -8.50
CA LYS A 12 22.76 11.91 -8.22
C LYS A 12 21.98 12.73 -7.20
N VAL A 13 20.74 12.34 -6.92
CA VAL A 13 19.89 13.06 -5.98
C VAL A 13 19.94 12.44 -4.59
N GLU A 14 19.90 11.10 -4.51
CA GLU A 14 19.92 10.40 -3.22
C GLU A 14 21.00 10.87 -2.28
N PRO A 15 22.27 11.02 -2.68
CA PRO A 15 23.29 11.46 -1.72
C PRO A 15 23.07 12.87 -1.20
N CYS A 16 22.08 13.59 -1.71
CA CYS A 16 21.82 14.97 -1.30
C CYS A 16 20.66 15.09 -0.31
N ILE A 17 19.98 13.99 0.01
CA ILE A 17 18.80 14.03 0.85
C ILE A 17 19.20 13.99 2.32
N VAL A 18 18.73 14.96 3.10
CA VAL A 18 19.03 15.03 4.52
C VAL A 18 17.72 15.18 5.29
N SER A 19 17.80 14.92 6.59
CA SER A 19 16.69 15.19 7.49
C SER A 19 16.97 16.46 8.26
N VAL A 20 15.92 17.24 8.51
CA VAL A 20 16.01 18.50 9.25
C VAL A 20 15.02 18.41 10.40
N THR A 21 15.51 18.59 11.61
CA THR A 21 14.70 18.45 12.82
C THR A 21 14.78 19.73 13.62
N TYR A 22 13.62 20.31 13.91
CA TYR A 22 13.48 21.42 14.85
C TYR A 22 12.36 21.08 15.81
N GLY A 23 12.57 21.37 17.09
CA GLY A 23 11.63 20.90 18.10
C GLY A 23 11.61 19.39 18.06
N ASN A 24 10.44 18.82 17.76
CA ASN A 24 10.38 17.40 17.44
C ASN A 24 9.94 17.13 16.02
N MET A 25 9.46 18.14 15.29
CA MET A 25 9.10 17.96 13.90
C MET A 25 10.33 17.62 13.05
N THR A 26 10.17 16.63 12.18
CA THR A 26 11.22 16.24 11.24
C THR A 26 10.65 16.20 9.84
N LEU A 27 11.33 16.88 8.91
CA LEU A 27 11.02 16.75 7.49
C LEU A 27 12.32 16.52 6.71
N ASN A 28 12.24 16.51 5.39
CA ASN A 28 13.39 16.24 4.54
C ASN A 28 14.01 17.53 4.02
N GLY A 29 15.25 17.41 3.54
CA GLY A 29 15.96 18.55 2.98
C GLY A 29 16.86 18.11 1.84
N LEU A 30 17.40 19.10 1.14
CA LEU A 30 18.30 18.88 0.01
C LEU A 30 19.64 19.52 0.31
N TRP A 31 20.71 18.75 0.23
CA TRP A 31 22.05 19.19 0.60
C TRP A 31 22.87 19.40 -0.67
N LEU A 32 23.24 20.64 -0.94
CA LEU A 32 24.07 21.00 -2.09
C LEU A 32 25.10 22.03 -1.65
N ASP A 33 26.37 21.79 -1.99
CA ASP A 33 27.49 22.65 -1.60
C ASP A 33 27.45 22.79 -0.09
N ASP A 34 27.34 24.00 0.48
CA ASP A 34 27.23 24.18 1.91
C ASP A 34 25.84 24.68 2.33
N LYS A 35 24.84 24.47 1.48
CA LYS A 35 23.47 24.89 1.76
C LYS A 35 22.58 23.67 1.95
N VAL A 36 21.50 23.86 2.70
CA VAL A 36 20.47 22.83 2.90
C VAL A 36 19.11 23.51 2.77
N TYR A 37 18.34 23.08 1.77
CA TYR A 37 17.04 23.66 1.48
C TYR A 37 15.95 22.76 2.03
N CYS A 38 15.00 23.35 2.76
CA CYS A 38 13.90 22.63 3.38
C CYS A 38 12.77 23.62 3.62
N PRO A 39 11.54 23.13 3.77
CA PRO A 39 10.40 24.04 3.97
C PRO A 39 10.54 24.81 5.27
N ARG A 40 10.13 26.09 5.24
CA ARG A 40 10.13 26.87 6.48
C ARG A 40 9.12 26.34 7.49
N HIS A 41 8.25 25.41 7.11
CA HIS A 41 7.19 24.93 7.99
C HIS A 41 7.80 24.10 9.11
N VAL A 42 9.11 23.92 9.06
CA VAL A 42 9.77 23.11 10.07
C VAL A 42 9.90 23.81 11.42
N ILE A 43 9.59 25.10 11.50
CA ILE A 43 9.76 25.84 12.74
C ILE A 43 8.43 26.23 13.37
N CYS A 44 7.36 25.49 13.11
CA CYS A 44 6.02 25.97 13.47
C CYS A 44 5.47 25.35 14.75
N SER A 45 4.93 24.13 14.62
CA SER A 45 4.31 23.35 15.69
C SER A 45 2.89 23.81 16.01
N ASP A 46 2.58 25.10 15.86
CA ASP A 46 1.32 25.66 16.33
C ASP A 46 0.23 25.68 15.25
N MET A 47 0.20 24.68 14.38
CA MET A 47 -0.95 24.44 13.51
C MET A 47 -1.28 25.62 12.58
N THR A 48 -2.37 25.44 11.82
CA THR A 48 -3.13 26.45 11.08
C THR A 48 -2.20 27.44 10.38
N ASP A 49 -2.34 28.74 10.62
CA ASP A 49 -1.68 29.82 9.88
C ASP A 49 -0.52 30.35 10.72
N PRO A 50 0.70 29.87 10.54
CA PRO A 50 1.79 30.28 11.42
C PRO A 50 2.23 31.70 11.12
N ASP A 51 2.83 32.33 12.14
CA ASP A 51 3.43 33.65 12.00
C ASP A 51 4.94 33.46 11.81
N TYR A 52 5.32 33.24 10.54
CA TYR A 52 6.72 32.90 10.26
C TYR A 52 7.70 34.02 10.61
N PRO A 53 7.45 35.29 10.30
CA PRO A 53 8.39 36.33 10.77
C PRO A 53 8.49 36.39 12.28
N ASN A 54 7.41 36.06 13.00
CA ASN A 54 7.44 36.07 14.46
C ASN A 54 8.17 34.85 15.01
N LEU A 55 7.99 33.69 14.38
CA LEU A 55 8.66 32.47 14.82
C LEU A 55 10.16 32.50 14.55
N LEU A 56 10.62 33.30 13.57
CA LEU A 56 12.05 33.35 13.26
C LEU A 56 12.86 33.97 14.38
N CYS A 57 12.26 34.87 15.16
CA CYS A 57 13.02 35.60 16.18
C CYS A 57 13.57 34.67 17.25
N ARG A 58 12.81 33.63 17.61
CA ARG A 58 13.21 32.71 18.66
C ARG A 58 14.09 31.58 18.14
N VAL A 59 14.15 31.37 16.83
CA VAL A 59 14.92 30.26 16.27
C VAL A 59 16.39 30.64 16.19
N THR A 60 17.25 29.76 16.67
CA THR A 60 18.70 29.90 16.52
C THR A 60 19.24 28.62 15.88
N SER A 61 20.44 28.76 15.29
CA SER A 61 21.00 27.69 14.49
C SER A 61 21.22 26.41 15.29
N SER A 62 21.54 26.54 16.58
CA SER A 62 21.87 25.36 17.39
C SER A 62 20.68 24.41 17.58
N ASP A 63 19.46 24.85 17.28
CA ASP A 63 18.28 24.03 17.46
C ASP A 63 17.89 23.26 16.20
N PHE A 64 18.62 23.44 15.10
CA PHE A 64 18.49 22.58 13.93
C PHE A 64 19.43 21.41 14.06
N CYS A 65 18.90 20.21 13.87
CA CYS A 65 19.69 18.99 13.80
C CYS A 65 19.54 18.45 12.39
N VAL A 66 20.50 18.78 11.53
CA VAL A 66 20.53 18.26 10.16
C VAL A 66 21.44 17.05 10.12
N MET A 67 20.96 15.96 9.54
CA MET A 67 21.74 14.74 9.46
C MET A 67 21.66 14.17 8.04
N SER A 68 22.83 13.86 7.49
CA SER A 68 22.94 13.09 6.25
C SER A 68 23.31 11.67 6.64
N GLY A 69 22.38 10.75 6.47
CA GLY A 69 22.61 9.39 6.95
C GLY A 69 22.73 9.43 8.46
N ARG A 70 23.85 8.93 8.97
CA ARG A 70 24.12 9.00 10.40
C ARG A 70 25.09 10.11 10.78
N MET A 71 25.59 10.87 9.82
CA MET A 71 26.49 11.98 10.10
C MET A 71 25.69 13.21 10.48
N SER A 72 26.17 13.94 11.49
CA SER A 72 25.52 15.15 11.95
C SER A 72 26.15 16.37 11.30
N LEU A 73 25.31 17.33 10.90
CA LEU A 73 25.76 18.55 10.26
C LEU A 73 25.44 19.75 11.15
N THR A 74 26.39 20.68 11.24
CA THR A 74 26.27 21.85 12.09
C THR A 74 25.83 23.05 11.27
N VAL A 75 24.76 23.72 11.71
CA VAL A 75 24.22 24.89 11.01
C VAL A 75 24.90 26.14 11.54
N MET A 76 25.53 26.91 10.64
CA MET A 76 26.14 28.18 11.02
C MET A 76 25.07 29.27 11.13
N SER A 77 24.48 29.64 10.00
CA SER A 77 23.43 30.64 9.93
C SER A 77 22.31 30.12 9.03
N TYR A 78 21.17 30.79 9.06
CA TYR A 78 20.05 30.42 8.22
C TYR A 78 19.42 31.67 7.63
N GLN A 79 18.46 31.44 6.73
CA GLN A 79 17.84 32.53 5.97
C GLN A 79 16.49 32.05 5.44
N MET A 80 15.42 32.77 5.77
CA MET A 80 14.11 32.47 5.24
C MET A 80 13.93 33.16 3.89
N GLN A 81 13.75 32.35 2.84
CA GLN A 81 13.54 32.83 1.48
C GLN A 81 12.21 32.28 1.00
N GLY A 82 11.23 33.18 0.82
CA GLY A 82 9.91 32.75 0.41
C GLY A 82 9.32 31.80 1.45
N CYS A 83 9.03 30.57 1.04
CA CYS A 83 8.46 29.57 1.93
C CYS A 83 9.44 28.45 2.25
N GLN A 84 10.74 28.68 2.06
CA GLN A 84 11.76 27.71 2.39
C GLN A 84 12.82 28.34 3.26
N LEU A 85 13.55 27.50 3.98
CA LEU A 85 14.74 27.91 4.71
C LEU A 85 15.97 27.42 3.95
N VAL A 86 16.93 28.32 3.75
CA VAL A 86 18.24 27.96 3.22
C VAL A 86 19.19 27.93 4.41
N LEU A 87 19.49 26.73 4.90
CA LEU A 87 20.41 26.54 6.01
C LEU A 87 21.83 26.41 5.50
N THR A 88 22.76 27.16 6.09
CA THR A 88 24.18 27.07 5.76
C THR A 88 24.86 26.18 6.79
N VAL A 89 25.44 25.07 6.31
CA VAL A 89 26.03 24.08 7.19
C VAL A 89 27.56 24.15 7.08
N THR A 90 28.24 23.58 8.07
CA THR A 90 29.70 23.62 8.12
C THR A 90 30.31 22.92 6.91
N LEU A 91 29.73 21.80 6.51
CA LEU A 91 30.37 20.86 5.60
C LEU A 91 29.94 21.12 4.15
N GLN A 92 30.90 21.04 3.24
CA GLN A 92 30.65 21.11 1.81
C GLN A 92 30.31 19.70 1.33
N ASN A 93 29.06 19.49 0.87
CA ASN A 93 28.58 18.18 0.46
C ASN A 93 29.52 17.56 -0.59
N PRO A 94 30.18 16.46 -0.27
CA PRO A 94 31.15 15.88 -1.22
C PRO A 94 30.52 15.23 -2.43
N ASN A 95 29.24 14.87 -2.39
CA ASN A 95 28.58 14.21 -3.51
C ASN A 95 27.68 15.15 -4.31
N THR A 96 27.89 16.45 -4.20
CA THR A 96 27.08 17.43 -4.91
C THR A 96 27.27 17.27 -6.42
N PRO A 97 26.23 16.90 -7.16
CA PRO A 97 26.36 16.82 -8.61
C PRO A 97 26.37 18.21 -9.23
N LYS A 98 26.81 18.28 -10.48
CA LYS A 98 26.62 19.51 -11.23
C LYS A 98 25.12 19.79 -11.35
N TYR A 99 24.69 20.93 -10.83
CA TYR A 99 23.25 21.19 -10.70
C TYR A 99 22.91 22.62 -11.08
N SER A 100 21.61 22.83 -11.29
CA SER A 100 21.06 24.16 -11.50
C SER A 100 19.66 24.17 -10.92
N PHE A 101 19.10 25.37 -10.78
CA PHE A 101 17.75 25.55 -10.23
C PHE A 101 16.83 26.04 -11.32
N GLY A 102 15.69 25.36 -11.48
CA GLY A 102 14.77 25.65 -12.55
C GLY A 102 13.34 25.79 -12.05
N VAL A 103 12.44 26.06 -12.99
CA VAL A 103 11.01 26.16 -12.72
C VAL A 103 10.25 25.46 -13.84
N VAL A 104 9.52 24.40 -13.48
CA VAL A 104 8.71 23.66 -14.45
C VAL A 104 7.48 24.49 -14.82
N LYS A 105 7.08 24.41 -16.09
CA LYS A 105 5.87 25.03 -16.61
C LYS A 105 4.79 23.98 -16.82
N PRO A 106 3.51 24.37 -16.83
CA PRO A 106 2.44 23.37 -16.94
C PRO A 106 2.60 22.50 -18.17
N GLY A 107 2.42 21.19 -17.99
CA GLY A 107 2.58 20.20 -19.02
C GLY A 107 3.91 19.48 -18.98
N GLU A 108 4.95 20.13 -18.45
CA GLU A 108 6.26 19.51 -18.36
C GLU A 108 6.32 18.54 -17.19
N THR A 109 7.08 17.48 -17.38
CA THR A 109 7.18 16.39 -16.40
C THR A 109 8.49 16.45 -15.66
N PHE A 110 8.55 15.73 -14.54
CA PHE A 110 9.79 15.57 -13.79
C PHE A 110 9.65 14.36 -12.87
N THR A 111 10.67 14.14 -12.05
CA THR A 111 10.73 12.97 -11.17
C THR A 111 10.76 13.44 -9.72
N VAL A 112 9.88 12.88 -8.89
CA VAL A 112 9.87 13.14 -7.46
C VAL A 112 10.55 11.99 -6.75
N LEU A 113 11.55 12.29 -5.92
CA LEU A 113 12.19 11.30 -5.06
C LEU A 113 11.53 11.40 -3.68
N ALA A 114 10.59 10.51 -3.41
CA ALA A 114 9.86 10.54 -2.15
C ALA A 114 10.76 10.09 -1.01
N ALA A 115 10.89 10.94 0.00
CA ALA A 115 11.78 10.67 1.12
C ALA A 115 11.03 10.80 2.44
N TYR A 116 11.47 10.03 3.42
CA TYR A 116 10.95 10.11 4.79
C TYR A 116 12.13 10.02 5.75
N ASN A 117 12.19 10.96 6.69
CA ASN A 117 13.23 10.98 7.72
C ASN A 117 14.62 11.14 7.11
N GLY A 118 14.71 11.89 6.01
CA GLY A 118 15.97 12.01 5.30
C GLY A 118 16.39 10.77 4.56
N ARG A 119 15.51 9.78 4.43
CA ARG A 119 15.83 8.52 3.77
C ARG A 119 15.00 8.38 2.51
N PRO A 120 15.61 8.22 1.33
CA PRO A 120 14.83 7.97 0.12
C PRO A 120 14.05 6.67 0.21
N GLN A 121 12.82 6.69 -0.29
CA GLN A 121 11.94 5.53 -0.31
C GLN A 121 11.52 5.10 -1.69
N GLY A 122 11.49 6.00 -2.67
CA GLY A 122 11.01 5.67 -3.99
C GLY A 122 10.88 6.92 -4.82
N ALA A 123 10.62 6.72 -6.10
CA ALA A 123 10.51 7.81 -7.06
C ALA A 123 9.38 7.52 -8.03
N PHE A 124 8.81 8.58 -8.59
CA PHE A 124 7.69 8.43 -9.50
C PHE A 124 7.65 9.61 -10.47
N HIS A 125 6.99 9.37 -11.59
CA HIS A 125 6.78 10.34 -12.65
C HIS A 125 5.57 11.21 -12.32
N VAL A 126 5.70 12.53 -12.50
CA VAL A 126 4.61 13.48 -12.27
C VAL A 126 4.59 14.53 -13.38
N THR A 127 3.44 15.19 -13.52
CA THR A 127 3.22 16.21 -14.53
C THR A 127 2.61 17.43 -13.87
N LEU A 128 3.19 18.61 -14.14
CA LEU A 128 2.65 19.85 -13.59
C LEU A 128 1.39 20.23 -14.35
N ARG A 129 0.25 20.28 -13.66
CA ARG A 129 -1.02 20.61 -14.27
C ARG A 129 -1.13 22.12 -14.51
N SER A 130 -2.15 22.50 -15.28
CA SER A 130 -2.46 23.92 -15.42
C SER A 130 -2.82 24.56 -14.09
N SER A 131 -3.33 23.77 -13.14
CA SER A 131 -3.61 24.20 -11.77
C SER A 131 -2.34 24.36 -10.93
N HIS A 132 -1.18 24.25 -11.57
CA HIS A 132 0.12 24.29 -10.89
C HIS A 132 0.16 23.31 -9.73
N THR A 133 -0.33 22.09 -10.00
CA THR A 133 -0.31 20.99 -9.03
C THR A 133 0.29 19.75 -9.70
N ILE A 134 0.47 18.70 -8.91
CA ILE A 134 0.94 17.41 -9.40
C ILE A 134 0.13 16.31 -8.74
N LYS A 135 -0.05 15.21 -9.48
CA LYS A 135 -0.74 14.03 -8.97
C LYS A 135 0.31 13.11 -8.38
N GLY A 136 0.65 13.36 -7.11
CA GLY A 136 1.67 12.60 -6.42
C GLY A 136 1.09 11.65 -5.38
N SER A 137 1.98 11.18 -4.51
CA SER A 137 1.64 10.19 -3.47
C SER A 137 2.50 10.51 -2.25
N PHE A 138 1.93 11.25 -1.31
CA PHE A 138 2.69 11.73 -0.17
C PHE A 138 1.92 11.49 1.13
N LEU A 139 2.67 11.36 2.23
CA LEU A 139 2.10 11.22 3.56
C LEU A 139 2.80 12.16 4.53
N CYS A 140 2.54 12.02 5.82
CA CYS A 140 3.28 12.78 6.82
C CYS A 140 4.76 12.41 6.77
N GLY A 141 5.63 13.41 6.87
CA GLY A 141 7.05 13.22 6.79
C GLY A 141 7.65 13.42 5.40
N SER A 142 6.81 13.62 4.38
CA SER A 142 7.27 13.68 2.99
C SER A 142 7.60 15.09 2.51
N CYS A 143 7.28 16.12 3.28
CA CYS A 143 7.63 17.47 2.89
C CYS A 143 9.14 17.62 2.83
N GLY A 144 9.63 18.35 1.83
CA GLY A 144 11.03 18.44 1.54
C GLY A 144 11.51 17.49 0.46
N SER A 145 10.71 16.47 0.13
CA SER A 145 11.04 15.61 -0.99
C SER A 145 11.17 16.45 -2.24
N VAL A 146 12.20 16.17 -3.04
CA VAL A 146 12.55 17.04 -4.15
C VAL A 146 12.05 16.43 -5.45
N GLY A 147 11.74 17.30 -6.39
CA GLY A 147 11.47 16.92 -7.76
C GLY A 147 12.52 17.52 -8.66
N TYR A 148 13.02 16.72 -9.60
CA TYR A 148 14.19 17.10 -10.37
C TYR A 148 14.06 16.60 -11.80
N VAL A 149 14.93 17.12 -12.66
CA VAL A 149 15.03 16.71 -14.06
C VAL A 149 16.49 16.37 -14.34
N LEU A 150 16.73 15.24 -14.99
CA LEU A 150 18.07 14.88 -15.41
C LEU A 150 18.34 15.45 -16.79
N THR A 151 19.47 16.15 -16.92
CA THR A 151 19.85 16.86 -18.14
C THR A 151 21.31 16.51 -18.41
N GLY A 152 21.52 15.48 -19.21
CA GLY A 152 22.85 14.91 -19.39
C GLY A 152 23.35 14.31 -18.10
N ASP A 153 24.39 14.91 -17.53
CA ASP A 153 24.89 14.53 -16.21
C ASP A 153 24.53 15.56 -15.15
N SER A 154 23.74 16.56 -15.51
CA SER A 154 23.36 17.64 -14.61
C SER A 154 21.96 17.42 -14.06
N VAL A 155 21.74 17.91 -12.85
CA VAL A 155 20.46 17.80 -12.16
C VAL A 155 19.87 19.20 -12.09
N ARG A 156 18.68 19.37 -12.66
CA ARG A 156 17.95 20.64 -12.54
C ARG A 156 16.85 20.44 -11.50
N PHE A 157 17.12 20.86 -10.27
CA PHE A 157 16.10 20.79 -9.23
C PHE A 157 15.00 21.80 -9.50
N VAL A 158 13.74 21.36 -9.39
CA VAL A 158 12.61 22.21 -9.73
C VAL A 158 11.51 22.24 -8.66
N TYR A 159 11.48 21.32 -7.70
CA TYR A 159 10.30 21.17 -6.87
C TYR A 159 10.68 20.75 -5.46
N MET A 160 9.98 21.31 -4.47
CA MET A 160 10.12 20.90 -3.08
C MET A 160 8.72 20.73 -2.50
N HIS A 161 8.34 19.49 -2.19
CA HIS A 161 6.97 19.22 -1.77
C HIS A 161 6.67 19.90 -0.44
N GLN A 162 5.45 20.43 -0.32
CA GLN A 162 5.07 21.17 0.88
C GLN A 162 3.62 20.91 1.29
N LEU A 163 2.72 20.75 0.32
CA LEU A 163 1.30 20.94 0.58
C LEU A 163 0.47 19.91 -0.18
N GLU A 164 -0.63 19.47 0.45
CA GLU A 164 -1.66 18.67 -0.20
C GLU A 164 -2.96 19.48 -0.19
N LEU A 165 -3.38 19.95 -1.37
CA LEU A 165 -4.56 20.80 -1.46
C LEU A 165 -5.84 20.00 -1.22
N SER A 166 -5.96 18.86 -1.88
CA SER A 166 -7.12 17.98 -1.70
C SER A 166 -6.64 16.56 -1.94
N THR A 167 -7.58 15.61 -1.93
CA THR A 167 -7.23 14.21 -2.10
C THR A 167 -6.51 13.97 -3.41
N GLY A 168 -5.25 13.56 -3.33
CA GLY A 168 -4.48 13.23 -4.51
C GLY A 168 -3.98 14.40 -5.32
N CYS A 169 -4.00 15.62 -4.76
CA CYS A 169 -3.58 16.82 -5.47
C CYS A 169 -2.58 17.56 -4.59
N HIS A 170 -1.37 17.75 -5.10
CA HIS A 170 -0.28 18.31 -4.31
C HIS A 170 0.39 19.47 -5.03
N THR A 171 1.19 20.22 -4.28
CA THR A 171 1.98 21.31 -4.82
C THR A 171 3.09 21.62 -3.83
N GLY A 172 3.96 22.53 -4.23
CA GLY A 172 5.10 22.90 -3.41
C GLY A 172 5.83 24.07 -4.02
N THR A 173 7.10 24.18 -3.68
CA THR A 173 7.87 25.37 -4.01
C THR A 173 9.03 25.05 -4.93
N ASP A 174 9.38 26.01 -5.78
CA ASP A 174 10.65 25.97 -6.48
C ASP A 174 11.76 26.28 -5.47
N PHE A 175 13.00 26.29 -5.94
CA PHE A 175 14.13 26.48 -5.03
C PHE A 175 14.52 27.95 -4.91
N SER A 176 13.62 28.85 -5.26
CA SER A 176 13.67 30.23 -4.83
C SER A 176 12.72 30.49 -3.67
N GLY A 177 11.98 29.48 -3.23
CA GLY A 177 11.05 29.60 -2.12
C GLY A 177 9.62 29.92 -2.50
N ASN A 178 9.34 30.10 -3.79
CA ASN A 178 8.01 30.49 -4.23
C ASN A 178 7.16 29.27 -4.56
N PHE A 179 5.91 29.31 -4.13
CA PHE A 179 4.98 28.23 -4.42
C PHE A 179 4.66 28.16 -5.91
N TYR A 180 4.42 26.94 -6.39
CA TYR A 180 3.80 26.74 -7.69
C TYR A 180 2.31 27.03 -7.55
N GLY A 181 1.81 28.00 -8.31
CA GLY A 181 0.43 28.39 -8.23
C GLY A 181 0.17 29.34 -7.08
N PRO A 182 -1.07 29.82 -6.96
CA PRO A 182 -1.43 30.81 -5.94
C PRO A 182 -1.69 30.21 -4.56
N TYR A 183 -0.72 29.45 -4.06
CA TYR A 183 -0.88 28.72 -2.80
C TYR A 183 0.16 29.19 -1.79
N ARG A 184 0.04 28.68 -0.56
CA ARG A 184 0.90 29.13 0.52
C ARG A 184 0.90 28.08 1.63
N ASP A 185 1.96 28.09 2.42
CA ASP A 185 2.19 27.07 3.46
C ASP A 185 1.36 27.39 4.70
N ALA A 186 0.04 27.26 4.54
CA ALA A 186 -0.91 27.45 5.63
C ALA A 186 -2.02 26.41 5.52
N GLN A 187 -2.51 25.98 6.69
CA GLN A 187 -3.59 24.99 6.77
C GLN A 187 -4.98 25.62 6.61
N VAL A 188 -5.14 26.54 5.66
CA VAL A 188 -6.44 27.07 5.29
C VAL A 188 -6.88 26.37 4.01
N VAL A 189 -8.16 26.54 3.66
CA VAL A 189 -8.69 25.86 2.48
C VAL A 189 -8.15 26.56 1.23
N GLN A 190 -7.50 25.79 0.35
CA GLN A 190 -7.00 26.26 -0.95
C GLN A 190 -7.27 25.17 -1.99
N LEU A 191 -8.53 25.08 -2.43
CA LEU A 191 -8.78 24.08 -3.48
C LEU A 191 -8.26 24.60 -4.82
N PRO A 192 -7.69 23.72 -5.64
CA PRO A 192 -6.96 24.17 -6.83
C PRO A 192 -7.85 24.89 -7.84
N VAL A 193 -7.19 25.68 -8.69
CA VAL A 193 -7.85 26.42 -9.76
C VAL A 193 -8.21 25.46 -10.90
N GLN A 194 -8.74 26.00 -11.99
CA GLN A 194 -9.15 25.16 -13.11
C GLN A 194 -7.95 24.50 -13.76
N ASP A 195 -8.14 23.26 -14.20
CA ASP A 195 -7.12 22.49 -14.89
C ASP A 195 -7.57 22.21 -16.31
N TYR A 196 -6.61 21.99 -17.21
CA TYR A 196 -6.88 21.66 -18.59
C TYR A 196 -6.09 20.41 -18.97
N THR A 197 -6.61 19.65 -19.93
CA THR A 197 -5.88 18.52 -20.49
C THR A 197 -4.73 19.05 -21.35
N GLN A 198 -3.51 18.59 -21.05
CA GLN A 198 -2.32 19.11 -21.73
C GLN A 198 -2.28 18.60 -23.17
N THR A 199 -2.57 19.49 -24.12
CA THR A 199 -2.74 19.07 -25.50
C THR A 199 -1.44 18.54 -26.10
N VAL A 200 -0.34 19.29 -25.90
CA VAL A 200 0.95 18.89 -26.49
C VAL A 200 1.31 17.48 -26.07
N ASN A 201 1.04 17.12 -24.81
CA ASN A 201 1.32 15.76 -24.35
C ASN A 201 0.37 14.75 -25.00
N VAL A 202 -0.91 15.11 -25.15
CA VAL A 202 -1.86 14.20 -25.80
C VAL A 202 -1.45 13.96 -27.25
N VAL A 203 -0.97 15.00 -27.93
CA VAL A 203 -0.46 14.83 -29.29
C VAL A 203 0.70 13.84 -29.30
N ALA A 204 1.66 14.02 -28.39
CA ALA A 204 2.81 13.12 -28.34
C ALA A 204 2.38 11.69 -28.02
N TRP A 205 1.41 11.53 -27.12
CA TRP A 205 0.96 10.20 -26.76
C TRP A 205 0.32 9.49 -27.94
N LEU A 206 -0.38 10.23 -28.80
CA LEU A 206 -0.98 9.61 -29.98
C LEU A 206 0.08 9.27 -31.03
N TYR A 207 1.13 10.08 -31.14
CA TYR A 207 2.25 9.72 -32.00
C TYR A 207 2.93 8.43 -31.52
N ALA A 208 3.09 8.30 -30.21
CA ALA A 208 3.59 7.04 -29.65
C ALA A 208 2.69 5.89 -30.05
N ALA A 209 1.37 6.08 -30.00
CA ALA A 209 0.45 5.05 -30.45
C ALA A 209 0.67 4.71 -31.92
N ILE A 210 0.88 5.72 -32.76
CA ILE A 210 1.07 5.48 -34.19
C ILE A 210 2.32 4.62 -34.43
N PHE A 211 3.42 4.98 -33.79
CA PHE A 211 4.66 4.20 -33.81
C PHE A 211 4.50 2.84 -33.15
N ASN A 212 3.41 2.60 -32.44
CA ASN A 212 3.13 1.34 -31.73
C ASN A 212 1.83 0.75 -32.26
N ARG A 213 1.81 0.34 -33.52
CA ARG A 213 0.64 -0.28 -34.15
C ARG A 213 -0.55 0.67 -34.29
N CYS A 214 -1.08 1.13 -33.15
CA CYS A 214 -2.38 1.78 -33.05
C CYS A 214 -2.40 3.10 -33.82
N ASN A 215 -3.08 3.12 -34.98
CA ASN A 215 -3.23 4.36 -35.73
C ASN A 215 -4.60 4.50 -36.39
N TRP A 216 -5.61 3.79 -35.88
CA TRP A 216 -6.93 3.82 -36.52
C TRP A 216 -7.57 5.21 -36.46
N PHE A 217 -7.22 6.01 -35.45
CA PHE A 217 -7.82 7.34 -35.30
C PHE A 217 -7.32 8.33 -36.35
N VAL A 218 -6.27 8.00 -37.09
CA VAL A 218 -5.68 8.90 -38.07
C VAL A 218 -6.57 8.94 -39.31
N GLN A 219 -7.01 10.13 -39.68
CA GLN A 219 -7.81 10.32 -40.88
C GLN A 219 -7.28 11.53 -41.65
N SER A 220 -7.79 11.71 -42.86
CA SER A 220 -7.25 12.73 -43.74
C SER A 220 -7.61 14.14 -43.31
N ASP A 221 -8.67 14.31 -42.53
CA ASP A 221 -9.06 15.63 -42.05
C ASP A 221 -7.99 16.19 -41.11
N SER A 222 -7.88 17.52 -41.09
CA SER A 222 -6.84 18.18 -40.31
C SER A 222 -7.40 19.46 -39.71
N CYS A 223 -6.96 19.77 -38.50
CA CYS A 223 -7.36 20.97 -37.78
C CYS A 223 -6.11 21.76 -37.40
N SER A 224 -6.04 23.01 -37.85
CA SER A 224 -4.87 23.83 -37.59
C SER A 224 -4.69 24.04 -36.09
N LEU A 225 -3.48 24.49 -35.73
CA LEU A 225 -3.18 24.72 -34.32
C LEU A 225 -4.00 25.88 -33.76
N GLU A 226 -4.10 26.99 -34.51
CA GLU A 226 -4.85 28.12 -34.00
C GLU A 226 -6.36 27.90 -34.09
N GLU A 227 -6.82 27.07 -35.02
CA GLU A 227 -8.21 26.63 -34.99
C GLU A 227 -8.46 25.66 -33.83
N PHE A 228 -7.43 24.98 -33.34
CA PHE A 228 -7.60 24.11 -32.20
C PHE A 228 -7.72 24.90 -30.91
N ASN A 229 -6.95 25.98 -30.77
CA ASN A 229 -6.95 26.73 -29.53
C ASN A 229 -8.30 27.40 -29.27
N VAL A 230 -8.99 27.84 -30.33
CA VAL A 230 -10.32 28.39 -30.12
C VAL A 230 -11.29 27.30 -29.69
N TRP A 231 -11.13 26.08 -30.22
CA TRP A 231 -11.95 24.97 -29.76
C TRP A 231 -11.54 24.52 -28.37
N ALA A 232 -10.28 24.72 -27.99
CA ALA A 232 -9.80 24.18 -26.73
C ALA A 232 -10.29 24.99 -25.54
N MET A 233 -10.59 26.27 -25.76
CA MET A 233 -11.11 27.12 -24.68
C MET A 233 -12.36 26.52 -24.05
N THR A 234 -13.21 25.87 -24.85
CA THR A 234 -14.53 25.42 -24.41
C THR A 234 -14.66 23.91 -24.31
N ASN A 235 -13.55 23.16 -24.38
CA ASN A 235 -13.62 21.71 -24.27
C ASN A 235 -12.53 21.17 -23.33
N GLY A 236 -12.06 21.99 -22.40
CA GLY A 236 -11.17 21.53 -21.35
C GLY A 236 -9.76 21.20 -21.80
N PHE A 237 -9.32 21.75 -22.93
CA PHE A 237 -7.98 21.50 -23.45
C PHE A 237 -7.16 22.79 -23.41
N SER A 238 -5.85 22.61 -23.25
CA SER A 238 -4.92 23.72 -23.20
C SER A 238 -4.48 24.12 -24.61
N SER A 239 -3.87 25.30 -24.70
CA SER A 239 -3.37 25.80 -25.97
C SER A 239 -2.11 25.05 -26.37
N ILE A 240 -1.86 25.00 -27.69
CA ILE A 240 -0.77 24.20 -28.25
C ILE A 240 0.08 25.09 -29.14
N LYS A 241 1.40 25.01 -28.97
CA LYS A 241 2.39 25.70 -29.78
C LYS A 241 3.18 24.67 -30.58
N ALA A 242 3.64 25.09 -31.77
CA ALA A 242 4.48 24.24 -32.61
C ALA A 242 5.68 23.72 -31.83
N ASP A 243 6.22 22.58 -32.30
CA ASP A 243 7.21 21.83 -31.52
C ASP A 243 8.04 20.96 -32.47
N LEU A 244 9.37 21.16 -32.44
CA LEU A 244 10.30 20.29 -33.18
C LEU A 244 10.07 18.83 -32.86
N VAL A 245 9.98 18.50 -31.57
CA VAL A 245 9.84 17.10 -31.19
C VAL A 245 8.55 16.54 -31.77
N LEU A 246 7.48 17.35 -31.78
CA LEU A 246 6.28 16.95 -32.49
C LEU A 246 6.52 16.90 -33.99
N ASP A 247 7.27 17.87 -34.53
CA ASP A 247 7.64 17.83 -35.94
C ASP A 247 8.50 16.61 -36.25
N ALA A 248 9.44 16.28 -35.36
CA ALA A 248 10.24 15.08 -35.55
C ALA A 248 9.35 13.84 -35.48
N LEU A 249 8.47 13.77 -34.48
CA LEU A 249 7.52 12.66 -34.41
C LEU A 249 6.62 12.62 -35.64
N ALA A 250 6.18 13.80 -36.11
CA ALA A 250 5.37 13.85 -37.32
C ALA A 250 6.14 13.31 -38.52
N SER A 251 7.43 13.67 -38.63
CA SER A 251 8.19 13.24 -39.78
C SER A 251 8.43 11.74 -39.76
N MET A 252 8.64 11.16 -38.58
CA MET A 252 8.89 9.73 -38.47
C MET A 252 7.68 8.90 -38.89
N THR A 253 6.51 9.24 -38.35
CA THR A 253 5.26 8.52 -38.55
C THR A 253 4.53 8.89 -39.83
N GLY A 254 4.88 9.99 -40.48
CA GLY A 254 4.17 10.41 -41.68
C GLY A 254 2.80 11.01 -41.44
N VAL A 255 2.52 11.49 -40.24
CA VAL A 255 1.22 12.06 -39.88
C VAL A 255 1.47 13.46 -39.34
N THR A 256 0.80 14.45 -39.94
CA THR A 256 1.03 15.84 -39.55
C THR A 256 0.45 16.11 -38.17
N VAL A 257 0.92 17.21 -37.56
CA VAL A 257 0.38 17.63 -36.27
C VAL A 257 -1.10 17.98 -36.41
N GLU A 258 -1.49 18.54 -37.55
CA GLU A 258 -2.87 18.96 -37.73
C GLU A 258 -3.81 17.77 -37.85
N GLN A 259 -3.32 16.62 -38.32
CA GLN A 259 -4.14 15.42 -38.32
C GLN A 259 -4.36 14.92 -36.90
N VAL A 260 -3.34 15.03 -36.05
CA VAL A 260 -3.48 14.56 -34.67
C VAL A 260 -4.43 15.47 -33.90
N LEU A 261 -4.33 16.78 -34.11
CA LEU A 261 -5.25 17.70 -33.46
C LEU A 261 -6.70 17.41 -33.86
N ALA A 262 -6.94 17.17 -35.14
CA ALA A 262 -8.29 16.83 -35.58
C ALA A 262 -8.74 15.50 -35.00
N ALA A 263 -7.82 14.54 -34.87
CA ALA A 263 -8.16 13.26 -34.24
C ALA A 263 -8.47 13.43 -32.76
N ILE A 264 -7.84 14.42 -32.11
CA ILE A 264 -8.13 14.67 -30.70
C ILE A 264 -9.56 15.15 -30.52
N LYS A 265 -10.02 16.04 -31.40
CA LYS A 265 -11.36 16.60 -31.25
C LYS A 265 -12.43 15.53 -31.42
N ARG A 266 -12.27 14.66 -32.42
CA ARG A 266 -13.25 13.60 -32.64
C ARG A 266 -13.28 12.63 -31.46
N LEU A 267 -12.12 12.36 -30.85
CA LEU A 267 -12.03 11.40 -29.76
C LEU A 267 -12.31 12.03 -28.40
N HIS A 268 -12.46 13.35 -28.33
CA HIS A 268 -12.91 13.99 -27.11
C HIS A 268 -14.33 13.58 -26.75
N SER A 269 -15.09 13.03 -27.70
CA SER A 269 -16.48 12.62 -27.48
C SER A 269 -16.63 11.11 -27.54
N GLY A 270 -15.74 10.34 -26.90
CA GLY A 270 -15.82 8.89 -26.89
C GLY A 270 -14.73 8.19 -27.69
N PHE A 271 -14.11 7.15 -27.11
CA PHE A 271 -13.17 6.29 -27.84
C PHE A 271 -13.86 5.19 -28.62
N GLN A 272 -15.19 5.15 -28.60
CA GLN A 272 -16.00 4.15 -29.32
C GLN A 272 -15.74 2.74 -28.86
N GLY A 273 -15.56 2.56 -27.55
CA GLY A 273 -15.17 1.25 -27.05
C GLY A 273 -13.81 0.72 -27.49
N LYS A 274 -13.13 1.37 -28.44
CA LYS A 274 -11.79 0.96 -28.81
C LYS A 274 -10.75 1.58 -27.87
N GLN A 275 -9.53 1.06 -27.93
CA GLN A 275 -8.46 1.44 -27.01
C GLN A 275 -7.25 1.95 -27.78
N ILE A 276 -6.53 2.89 -27.15
CA ILE A 276 -5.29 3.42 -27.68
C ILE A 276 -4.19 3.08 -26.68
N LEU A 277 -3.34 2.12 -27.04
CA LEU A 277 -2.33 1.60 -26.12
C LEU A 277 -2.98 1.09 -24.83
N GLY A 278 -4.06 0.33 -24.98
CA GLY A 278 -4.76 -0.22 -23.84
C GLY A 278 -5.44 0.78 -22.94
N SER A 279 -5.65 2.00 -23.43
CA SER A 279 -6.28 3.04 -22.64
C SER A 279 -7.58 3.49 -23.31
N CYS A 280 -8.53 3.94 -22.48
CA CYS A 280 -9.81 4.45 -22.95
C CYS A 280 -9.93 5.96 -22.78
N VAL A 281 -8.90 6.62 -22.24
CA VAL A 281 -8.91 8.05 -22.04
C VAL A 281 -7.58 8.62 -22.56
N PHE A 282 -7.57 9.93 -22.80
CA PHE A 282 -6.34 10.58 -23.21
C PHE A 282 -5.29 10.47 -22.12
N GLU A 283 -4.03 10.42 -22.52
CA GLU A 283 -2.90 10.46 -21.61
C GLU A 283 -2.17 11.77 -21.89
N ASP A 284 -2.11 12.65 -20.88
CA ASP A 284 -1.44 13.94 -21.05
C ASP A 284 -0.24 14.07 -20.11
N GLU A 285 0.32 12.95 -19.66
CA GLU A 285 1.41 12.96 -18.69
C GLU A 285 2.77 12.61 -19.30
N LEU A 286 2.88 12.55 -20.61
CA LEU A 286 4.15 12.31 -21.30
C LEU A 286 4.42 13.46 -22.27
N THR A 287 5.48 14.22 -22.01
CA THR A 287 5.88 15.31 -22.89
C THR A 287 6.31 14.76 -24.25
N PRO A 288 6.45 15.62 -25.26
CA PRO A 288 7.02 15.14 -26.53
C PRO A 288 8.37 14.49 -26.37
N SER A 289 9.24 15.05 -25.52
CA SER A 289 10.56 14.46 -25.31
C SER A 289 10.46 13.11 -24.60
N ASP A 290 9.51 12.95 -23.69
CA ASP A 290 9.28 11.65 -23.07
C ASP A 290 8.90 10.61 -24.11
N VAL A 291 8.04 10.99 -25.06
CA VAL A 291 7.59 10.05 -26.08
C VAL A 291 8.70 9.75 -27.07
N TYR A 292 9.44 10.78 -27.50
CA TYR A 292 10.48 10.59 -28.50
C TYR A 292 11.58 9.68 -28.00
N GLN A 293 11.97 9.82 -26.73
CA GLN A 293 13.03 8.98 -26.18
C GLN A 293 12.61 7.54 -25.95
N GLN A 294 11.31 7.25 -25.95
CA GLN A 294 10.82 5.88 -25.91
C GLN A 294 10.46 5.35 -27.29
N LEU A 295 10.54 6.19 -28.32
CA LEU A 295 10.42 5.75 -29.70
C LEU A 295 11.77 5.58 -30.37
N ALA A 296 12.74 6.43 -30.02
CA ALA A 296 14.09 6.36 -30.57
C ALA A 296 15.11 6.38 -29.43
N GLY A 297 15.26 7.53 -28.78
CA GLY A 297 16.19 7.64 -27.66
C GLY A 297 17.28 8.67 -27.88
N SER B 1 -6.62 14.50 20.78
CA SER B 1 -7.96 14.19 20.32
C SER B 1 -8.64 13.13 21.19
N GLY B 2 -7.88 12.58 22.14
CA GLY B 2 -8.45 11.72 23.15
C GLY B 2 -8.74 10.29 22.73
N ILE B 3 -8.66 9.36 23.67
CA ILE B 3 -8.84 7.94 23.43
C ILE B 3 -9.84 7.39 24.45
N VAL B 4 -10.84 6.66 23.97
CA VAL B 4 -11.86 6.07 24.82
C VAL B 4 -12.05 4.62 24.40
N LYS B 5 -12.80 3.87 25.21
CA LYS B 5 -13.21 2.52 24.85
C LYS B 5 -14.51 2.63 24.06
N MET B 6 -14.42 2.41 22.75
CA MET B 6 -15.62 2.53 21.93
C MET B 6 -16.37 1.20 21.87
N VAL B 7 -17.65 1.30 21.51
CA VAL B 7 -18.53 0.16 21.34
C VAL B 7 -19.17 0.27 19.98
N SER B 8 -19.41 -0.88 19.35
CA SER B 8 -20.05 -0.87 18.05
C SER B 8 -21.48 -0.37 18.18
N PRO B 9 -22.00 0.31 17.15
CA PRO B 9 -23.43 0.63 17.14
C PRO B 9 -24.25 -0.65 17.30
N THR B 10 -25.39 -0.51 17.96
CA THR B 10 -26.20 -1.64 18.37
C THR B 10 -27.47 -1.79 17.53
N SER B 11 -27.60 -1.05 16.43
CA SER B 11 -28.85 -0.99 15.68
C SER B 11 -29.28 -2.36 15.18
N LYS B 12 -28.34 -3.12 14.63
CA LYS B 12 -28.65 -4.39 14.00
C LYS B 12 -28.83 -5.54 14.98
N VAL B 13 -28.36 -5.40 16.22
CA VAL B 13 -28.48 -6.46 17.20
C VAL B 13 -29.77 -6.36 18.01
N GLU B 14 -30.16 -5.14 18.38
CA GLU B 14 -31.34 -4.96 19.23
C GLU B 14 -32.59 -5.68 18.73
N PRO B 15 -32.96 -5.65 17.43
CA PRO B 15 -34.20 -6.32 17.01
C PRO B 15 -34.11 -7.83 17.06
N CYS B 16 -32.94 -8.39 17.37
CA CYS B 16 -32.75 -9.83 17.46
C CYS B 16 -32.81 -10.33 18.89
N ILE B 17 -32.98 -9.44 19.86
CA ILE B 17 -33.00 -9.84 21.26
C ILE B 17 -34.41 -10.27 21.64
N VAL B 18 -34.51 -11.44 22.26
CA VAL B 18 -35.79 -11.99 22.70
C VAL B 18 -35.57 -12.60 24.08
N SER B 19 -36.68 -12.89 24.75
CA SER B 19 -36.64 -13.61 26.02
C SER B 19 -37.09 -15.05 25.80
N VAL B 20 -36.49 -15.94 26.57
CA VAL B 20 -36.81 -17.36 26.55
C VAL B 20 -37.10 -17.80 27.98
N THR B 21 -38.30 -18.35 28.21
CA THR B 21 -38.68 -18.81 29.54
C THR B 21 -39.08 -20.28 29.46
N TYR B 22 -38.46 -21.10 30.30
CA TYR B 22 -38.88 -22.49 30.50
C TYR B 22 -39.17 -22.69 31.98
N GLY B 23 -40.37 -23.21 32.29
CA GLY B 23 -40.86 -23.20 33.65
C GLY B 23 -41.18 -21.77 34.08
N ASN B 24 -40.50 -21.30 35.12
CA ASN B 24 -40.60 -19.91 35.56
C ASN B 24 -39.27 -19.18 35.45
N MET B 25 -38.24 -19.83 34.91
CA MET B 25 -36.94 -19.20 34.70
C MET B 25 -36.90 -18.51 33.34
N THR B 26 -36.29 -17.32 33.30
CA THR B 26 -36.24 -16.51 32.09
C THR B 26 -34.82 -16.02 31.84
N LEU B 27 -34.36 -16.16 30.60
CA LEU B 27 -33.10 -15.55 30.16
C LEU B 27 -33.29 -14.98 28.76
N ASN B 28 -32.20 -14.47 28.18
CA ASN B 28 -32.23 -13.77 26.91
C ASN B 28 -31.80 -14.69 25.77
N GLY B 29 -32.42 -14.49 24.60
CA GLY B 29 -32.09 -15.26 23.42
C GLY B 29 -31.81 -14.37 22.23
N LEU B 30 -31.22 -14.96 21.19
CA LEU B 30 -30.88 -14.26 19.96
C LEU B 30 -31.67 -14.86 18.81
N TRP B 31 -32.52 -14.06 18.19
CA TRP B 31 -33.49 -14.52 17.19
C TRP B 31 -32.97 -14.16 15.80
N LEU B 32 -32.41 -15.15 15.10
CA LEU B 32 -31.90 -14.98 13.75
C LEU B 32 -32.63 -15.94 12.82
N ASP B 33 -33.27 -15.38 11.78
CA ASP B 33 -34.07 -16.14 10.81
C ASP B 33 -35.18 -16.86 11.58
N ASP B 34 -35.24 -18.20 11.58
CA ASP B 34 -36.21 -18.95 12.35
C ASP B 34 -35.57 -19.67 13.53
N LYS B 35 -34.35 -19.26 13.92
CA LYS B 35 -33.62 -19.86 15.03
C LYS B 35 -33.55 -18.89 16.21
N VAL B 36 -33.51 -19.45 17.42
CA VAL B 36 -33.33 -18.67 18.65
C VAL B 36 -32.23 -19.33 19.46
N TYR B 37 -31.11 -18.64 19.63
CA TYR B 37 -29.96 -19.16 20.37
C TYR B 37 -30.03 -18.69 21.82
N CYS B 38 -29.84 -19.61 22.75
CA CYS B 38 -29.88 -19.29 24.18
C CYS B 38 -29.08 -20.35 24.92
N PRO B 39 -28.63 -20.06 26.14
CA PRO B 39 -27.89 -21.07 26.91
C PRO B 39 -28.76 -22.27 27.22
N ARG B 40 -28.12 -23.44 27.34
CA ARG B 40 -28.88 -24.66 27.59
C ARG B 40 -29.38 -24.77 29.01
N HIS B 41 -28.85 -23.98 29.95
CA HIS B 41 -29.28 -24.05 31.34
C HIS B 41 -30.60 -23.34 31.61
N VAL B 42 -31.34 -22.97 30.56
CA VAL B 42 -32.69 -22.46 30.71
C VAL B 42 -33.66 -23.55 31.11
N ILE B 43 -33.32 -24.82 30.87
CA ILE B 43 -34.21 -25.94 31.16
C ILE B 43 -33.88 -26.53 32.52
N CYS B 44 -33.18 -25.75 33.35
CA CYS B 44 -32.77 -26.18 34.68
C CYS B 44 -33.43 -25.32 35.73
N SER B 45 -33.97 -25.96 36.76
CA SER B 45 -34.19 -25.32 38.05
C SER B 45 -33.44 -26.02 39.15
N ASP B 46 -32.75 -27.11 38.83
CA ASP B 46 -32.18 -28.00 39.82
C ASP B 46 -30.66 -28.07 39.62
N MET B 47 -29.95 -28.21 40.73
CA MET B 47 -28.59 -28.72 40.76
C MET B 47 -27.53 -27.75 40.24
N THR B 48 -26.30 -27.98 40.68
CA THR B 48 -25.13 -27.22 40.28
C THR B 48 -24.24 -27.97 39.29
N ASP B 49 -24.65 -29.16 38.83
CA ASP B 49 -23.98 -29.84 37.72
C ASP B 49 -25.00 -30.70 37.00
N PRO B 50 -25.85 -30.10 36.18
CA PRO B 50 -26.93 -30.87 35.54
C PRO B 50 -26.36 -31.87 34.54
N ASP B 51 -27.13 -32.92 34.31
CA ASP B 51 -26.80 -33.93 33.32
C ASP B 51 -27.62 -33.70 32.03
N TYR B 52 -27.42 -32.49 31.48
CA TYR B 52 -28.21 -31.83 30.45
C TYR B 52 -28.86 -32.73 29.39
N PRO B 53 -28.16 -33.75 28.85
CA PRO B 53 -28.83 -34.58 27.81
C PRO B 53 -30.16 -35.20 28.21
N ASN B 54 -30.32 -35.70 29.43
CA ASN B 54 -31.58 -36.40 29.73
C ASN B 54 -32.64 -35.51 30.38
N LEU B 55 -32.27 -34.32 30.86
CA LEU B 55 -33.28 -33.32 31.18
C LEU B 55 -34.04 -32.92 29.93
N LEU B 56 -33.32 -32.83 28.80
CA LEU B 56 -33.93 -32.43 27.53
C LEU B 56 -34.92 -33.47 27.00
N CYS B 57 -34.79 -34.73 27.42
CA CYS B 57 -35.63 -35.80 26.87
C CYS B 57 -37.11 -35.53 27.12
N ARG B 58 -37.46 -35.10 28.32
CA ARG B 58 -38.86 -34.87 28.67
C ARG B 58 -39.29 -33.42 28.40
N VAL B 59 -38.43 -32.61 27.79
CA VAL B 59 -38.76 -31.23 27.46
C VAL B 59 -39.71 -31.20 26.28
N THR B 60 -40.75 -30.36 26.37
CA THR B 60 -41.73 -30.18 25.31
C THR B 60 -41.57 -28.79 24.70
N SER B 61 -41.75 -28.71 23.38
CA SER B 61 -41.61 -27.43 22.69
C SER B 61 -42.68 -26.45 23.13
N SER B 62 -43.91 -26.93 23.39
CA SER B 62 -44.98 -26.05 23.84
C SER B 62 -44.72 -25.46 25.22
N ASP B 63 -43.69 -25.91 25.91
CA ASP B 63 -43.34 -25.42 27.24
C ASP B 63 -42.25 -24.36 27.20
N PHE B 64 -41.71 -24.05 26.03
CA PHE B 64 -40.89 -22.86 25.84
C PHE B 64 -41.78 -21.67 25.54
N CYS B 65 -41.44 -20.54 26.15
CA CYS B 65 -42.11 -19.26 25.87
C CYS B 65 -41.05 -18.30 25.38
N VAL B 66 -41.15 -17.90 24.12
CA VAL B 66 -40.20 -16.99 23.49
C VAL B 66 -40.93 -15.71 23.15
N MET B 67 -40.47 -14.59 23.71
CA MET B 67 -41.10 -13.29 23.53
C MET B 67 -40.15 -12.38 22.77
N SER B 68 -40.66 -11.71 21.74
CA SER B 68 -39.97 -10.61 21.08
C SER B 68 -40.75 -9.36 21.44
N GLY B 69 -40.19 -8.56 22.35
CA GLY B 69 -40.95 -7.52 22.99
C GLY B 69 -42.09 -8.15 23.76
N ARG B 70 -43.33 -7.89 23.32
CA ARG B 70 -44.51 -8.52 23.91
C ARG B 70 -45.26 -9.35 22.87
N MET B 71 -44.61 -9.70 21.77
CA MET B 71 -45.13 -10.66 20.80
C MET B 71 -44.53 -12.03 21.11
N SER B 72 -45.38 -13.05 21.20
CA SER B 72 -44.93 -14.38 21.58
C SER B 72 -44.66 -15.24 20.34
N LEU B 73 -43.69 -16.15 20.48
CA LEU B 73 -43.27 -17.02 19.39
C LEU B 73 -43.49 -18.48 19.77
N THR B 74 -43.82 -19.29 18.77
CA THR B 74 -44.05 -20.71 18.95
C THR B 74 -42.82 -21.51 18.55
N VAL B 75 -42.48 -22.52 19.35
CA VAL B 75 -41.30 -23.34 19.13
C VAL B 75 -41.74 -24.65 18.49
N MET B 76 -41.18 -24.96 17.31
CA MET B 76 -41.42 -26.25 16.65
C MET B 76 -40.52 -27.33 17.22
N SER B 77 -39.21 -27.16 17.06
CA SER B 77 -38.23 -28.12 17.53
C SER B 77 -37.09 -27.36 18.18
N TYR B 78 -36.18 -28.12 18.76
CA TYR B 78 -35.01 -27.56 19.44
C TYR B 78 -33.83 -28.45 19.10
N GLN B 79 -32.65 -28.04 19.58
CA GLN B 79 -31.43 -28.80 19.35
C GLN B 79 -30.33 -28.29 20.28
N MET B 80 -29.74 -29.16 21.07
CA MET B 80 -28.59 -28.80 21.90
C MET B 80 -27.32 -28.97 21.09
N GLN B 81 -26.56 -27.89 20.96
CA GLN B 81 -25.24 -27.90 20.34
C GLN B 81 -24.26 -27.34 21.35
N GLY B 82 -23.44 -28.20 21.93
CA GLY B 82 -22.56 -27.76 23.00
C GLY B 82 -23.39 -27.35 24.21
N CYS B 83 -23.09 -26.16 24.75
CA CYS B 83 -23.76 -25.65 25.93
C CYS B 83 -24.89 -24.67 25.61
N GLN B 84 -25.43 -24.72 24.40
CA GLN B 84 -26.50 -23.82 24.00
C GLN B 84 -27.62 -24.61 23.34
N LEU B 85 -28.83 -24.03 23.39
CA LEU B 85 -29.98 -24.54 22.68
C LEU B 85 -30.25 -23.68 21.45
N VAL B 86 -30.60 -24.33 20.35
CA VAL B 86 -30.96 -23.65 19.11
C VAL B 86 -32.41 -24.01 18.83
N LEU B 87 -33.33 -23.13 19.19
CA LEU B 87 -34.75 -23.37 18.98
C LEU B 87 -35.15 -23.02 17.56
N THR B 88 -36.09 -23.77 17.00
CA THR B 88 -36.66 -23.48 15.69
C THR B 88 -38.06 -22.93 15.89
N VAL B 89 -38.27 -21.67 15.50
CA VAL B 89 -39.54 -21.00 15.75
C VAL B 89 -40.34 -20.90 14.46
N THR B 90 -41.65 -20.72 14.62
CA THR B 90 -42.57 -20.66 13.50
C THR B 90 -42.30 -19.48 12.58
N LEU B 91 -41.81 -18.38 13.16
CA LEU B 91 -41.72 -17.10 12.45
C LEU B 91 -40.27 -16.78 12.15
N GLN B 92 -40.01 -16.26 10.95
CA GLN B 92 -38.70 -15.76 10.62
C GLN B 92 -38.61 -14.29 11.00
N ASN B 93 -37.52 -13.94 11.70
CA ASN B 93 -37.31 -12.59 12.21
C ASN B 93 -37.22 -11.60 11.05
N PRO B 94 -38.21 -10.72 10.89
CA PRO B 94 -38.20 -9.79 9.76
C PRO B 94 -37.11 -8.75 9.82
N ASN B 95 -36.36 -8.65 10.92
CA ASN B 95 -35.25 -7.71 11.04
C ASN B 95 -33.90 -8.42 11.12
N THR B 96 -33.81 -9.65 10.65
CA THR B 96 -32.56 -10.37 10.64
C THR B 96 -31.53 -9.64 9.78
N PRO B 97 -30.42 -9.19 10.34
CA PRO B 97 -29.36 -8.58 9.54
C PRO B 97 -28.49 -9.66 8.90
N LYS B 98 -27.70 -9.25 7.92
CA LYS B 98 -26.67 -10.13 7.40
C LYS B 98 -25.69 -10.44 8.53
N TYR B 99 -25.48 -11.73 8.80
CA TYR B 99 -24.77 -12.12 10.01
C TYR B 99 -23.84 -13.30 9.73
N SER B 100 -22.79 -13.37 10.53
CA SER B 100 -21.80 -14.44 10.50
C SER B 100 -21.60 -14.95 11.92
N PHE B 101 -20.89 -16.07 12.04
CA PHE B 101 -20.48 -16.60 13.34
C PHE B 101 -18.96 -16.72 13.37
N GLY B 102 -18.36 -16.18 14.42
CA GLY B 102 -16.93 -16.18 14.57
C GLY B 102 -16.53 -16.55 15.99
N VAL B 103 -15.22 -16.65 16.20
CA VAL B 103 -14.66 -16.96 17.50
C VAL B 103 -13.53 -15.97 17.76
N VAL B 104 -13.63 -15.26 18.85
CA VAL B 104 -12.63 -14.25 19.18
C VAL B 104 -11.41 -14.93 19.78
N LYS B 105 -10.27 -14.28 19.63
CA LYS B 105 -8.95 -14.74 20.04
C LYS B 105 -8.41 -13.85 21.16
N PRO B 106 -7.63 -14.39 22.10
CA PRO B 106 -7.08 -13.56 23.18
C PRO B 106 -6.43 -12.29 22.67
N GLY B 107 -6.81 -11.16 23.27
CA GLY B 107 -6.38 -9.84 22.87
C GLY B 107 -7.40 -9.08 22.06
N GLU B 108 -8.24 -9.79 21.30
CA GLU B 108 -9.21 -9.15 20.44
C GLU B 108 -10.40 -8.64 21.25
N THR B 109 -11.03 -7.58 20.75
CA THR B 109 -12.11 -6.90 21.46
C THR B 109 -13.43 -7.10 20.73
N PHE B 110 -14.52 -6.93 21.47
CA PHE B 110 -15.86 -6.97 20.90
C PHE B 110 -16.81 -6.23 21.84
N THR B 111 -18.06 -6.12 21.42
CA THR B 111 -19.08 -5.36 22.14
C THR B 111 -20.16 -6.30 22.66
N VAL B 112 -20.43 -6.23 23.95
CA VAL B 112 -21.50 -7.00 24.58
C VAL B 112 -22.70 -6.09 24.77
N LEU B 113 -23.86 -6.55 24.32
CA LEU B 113 -25.13 -5.84 24.52
C LEU B 113 -25.84 -6.55 25.67
N ALA B 114 -25.66 -6.03 26.87
CA ALA B 114 -26.27 -6.62 28.05
C ALA B 114 -27.79 -6.54 27.98
N ALA B 115 -28.44 -7.67 28.18
CA ALA B 115 -29.88 -7.75 28.12
C ALA B 115 -30.44 -8.40 29.38
N TYR B 116 -31.64 -7.98 29.75
CA TYR B 116 -32.37 -8.61 30.85
C TYR B 116 -33.82 -8.76 30.42
N ASN B 117 -34.37 -9.95 30.63
CA ASN B 117 -35.79 -10.21 30.40
C ASN B 117 -36.20 -9.88 28.96
N GLY B 118 -35.27 -10.11 28.02
CA GLY B 118 -35.49 -9.81 26.62
C GLY B 118 -35.38 -8.36 26.23
N ARG B 119 -35.07 -7.46 27.17
CA ARG B 119 -34.94 -6.04 26.89
C ARG B 119 -33.47 -5.63 26.97
N PRO B 120 -32.90 -5.06 25.90
CA PRO B 120 -31.53 -4.56 25.98
C PRO B 120 -31.43 -3.38 26.94
N GLN B 121 -30.35 -3.36 27.72
CA GLN B 121 -30.12 -2.32 28.71
C GLN B 121 -28.93 -1.43 28.40
N GLY B 122 -27.86 -1.99 27.86
CA GLY B 122 -26.66 -1.21 27.57
C GLY B 122 -25.66 -2.04 26.81
N ALA B 123 -24.54 -1.40 26.48
CA ALA B 123 -23.46 -2.05 25.74
C ALA B 123 -22.13 -1.58 26.31
N PHE B 124 -21.12 -2.45 26.24
CA PHE B 124 -19.82 -2.07 26.76
C PHE B 124 -18.70 -2.82 26.02
N HIS B 125 -17.52 -2.23 26.08
CA HIS B 125 -16.33 -2.75 25.43
C HIS B 125 -15.66 -3.80 26.31
N VAL B 126 -15.28 -4.93 25.73
CA VAL B 126 -14.64 -6.01 26.47
C VAL B 126 -13.48 -6.58 25.67
N THR B 127 -12.50 -7.14 26.40
CA THR B 127 -11.34 -7.77 25.82
C THR B 127 -11.28 -9.22 26.27
N LEU B 128 -11.02 -10.14 25.34
CA LEU B 128 -10.79 -11.53 25.72
C LEU B 128 -9.42 -11.63 26.38
N ARG B 129 -9.38 -12.19 27.60
CA ARG B 129 -8.15 -12.35 28.33
C ARG B 129 -7.43 -13.65 27.90
N SER B 130 -6.24 -13.87 28.45
CA SER B 130 -5.54 -15.12 28.19
C SER B 130 -6.23 -16.32 28.81
N SER B 131 -7.05 -16.09 29.84
CA SER B 131 -7.87 -17.13 30.42
C SER B 131 -9.15 -17.39 29.61
N HIS B 132 -9.26 -16.78 28.43
CA HIS B 132 -10.47 -16.85 27.61
C HIS B 132 -11.68 -16.36 28.40
N THR B 133 -11.51 -15.27 29.15
CA THR B 133 -12.56 -14.63 29.91
C THR B 133 -12.60 -13.15 29.55
N ILE B 134 -13.64 -12.46 30.03
CA ILE B 134 -13.81 -11.03 29.80
C ILE B 134 -14.17 -10.35 31.11
N LYS B 135 -13.72 -9.10 31.25
CA LYS B 135 -14.01 -8.28 32.42
C LYS B 135 -15.27 -7.46 32.11
N GLY B 136 -16.42 -7.97 32.54
CA GLY B 136 -17.67 -7.32 32.21
C GLY B 136 -18.50 -6.93 33.42
N SER B 137 -19.80 -6.77 33.21
CA SER B 137 -20.73 -6.37 34.27
C SER B 137 -22.04 -7.12 34.02
N PHE B 138 -22.22 -8.24 34.71
CA PHE B 138 -23.40 -9.07 34.53
C PHE B 138 -23.98 -9.44 35.89
N LEU B 139 -25.30 -9.35 36.00
CA LEU B 139 -26.06 -9.83 37.15
C LEU B 139 -26.94 -11.00 36.71
N CYS B 140 -27.67 -11.58 37.67
CA CYS B 140 -28.58 -12.67 37.34
C CYS B 140 -29.62 -12.22 36.33
N GLY B 141 -30.00 -13.14 35.44
CA GLY B 141 -30.90 -12.83 34.35
C GLY B 141 -30.24 -12.25 33.12
N SER B 142 -28.91 -12.13 33.10
CA SER B 142 -28.21 -11.56 31.96
C SER B 142 -27.77 -12.62 30.95
N CYS B 143 -27.86 -13.90 31.30
CA CYS B 143 -27.38 -14.94 30.40
C CYS B 143 -28.18 -14.92 29.10
N GLY B 144 -27.49 -15.18 27.99
CA GLY B 144 -28.04 -15.00 26.68
C GLY B 144 -27.69 -13.67 26.04
N SER B 145 -27.07 -12.76 26.80
CA SER B 145 -26.60 -11.51 26.24
C SER B 145 -25.47 -11.78 25.26
N VAL B 146 -25.59 -11.24 24.06
CA VAL B 146 -24.68 -11.55 22.97
C VAL B 146 -23.52 -10.58 22.97
N GLY B 147 -22.38 -11.06 22.51
CA GLY B 147 -21.26 -10.22 22.16
C GLY B 147 -20.99 -10.33 20.67
N TYR B 148 -20.83 -9.21 19.99
CA TYR B 148 -20.73 -9.20 18.55
C TYR B 148 -19.66 -8.22 18.11
N VAL B 149 -19.36 -8.27 16.82
CA VAL B 149 -18.47 -7.32 16.16
C VAL B 149 -19.11 -6.96 14.84
N LEU B 150 -18.92 -5.72 14.40
CA LEU B 150 -19.44 -5.31 13.10
C LEU B 150 -18.36 -5.54 12.04
N THR B 151 -18.79 -6.01 10.88
CA THR B 151 -17.87 -6.46 9.85
C THR B 151 -18.25 -5.87 8.50
N GLY B 152 -18.68 -4.61 8.51
CA GLY B 152 -19.07 -3.94 7.28
C GLY B 152 -20.46 -4.34 6.84
N ASP B 153 -21.48 -3.69 7.40
CA ASP B 153 -22.87 -3.93 7.03
C ASP B 153 -23.35 -5.33 7.42
N SER B 154 -22.49 -6.11 8.09
CA SER B 154 -22.83 -7.43 8.58
C SER B 154 -22.42 -7.55 10.04
N VAL B 155 -23.04 -8.50 10.75
CA VAL B 155 -22.81 -8.66 12.18
C VAL B 155 -22.23 -10.02 12.46
N ARG B 156 -21.06 -10.05 13.10
CA ARG B 156 -20.36 -11.29 13.42
C ARG B 156 -20.52 -11.56 14.92
N PHE B 157 -21.49 -12.40 15.26
CA PHE B 157 -21.73 -12.78 16.65
C PHE B 157 -20.64 -13.73 17.13
N VAL B 158 -20.10 -13.47 18.31
CA VAL B 158 -18.94 -14.21 18.77
C VAL B 158 -19.11 -14.72 20.20
N TYR B 159 -20.07 -14.15 20.93
CA TYR B 159 -20.13 -14.39 22.37
C TYR B 159 -21.58 -14.51 22.83
N MET B 160 -21.80 -15.41 23.80
CA MET B 160 -23.07 -15.53 24.51
C MET B 160 -22.77 -15.79 25.97
N HIS B 161 -23.08 -14.82 26.84
CA HIS B 161 -22.68 -14.90 28.24
C HIS B 161 -23.43 -16.00 28.99
N GLN B 162 -22.70 -16.68 29.89
CA GLN B 162 -23.24 -17.79 30.65
C GLN B 162 -22.77 -17.88 32.09
N LEU B 163 -21.56 -17.43 32.43
CA LEU B 163 -20.91 -17.87 33.66
C LEU B 163 -20.07 -16.75 34.26
N GLU B 164 -20.06 -16.70 35.60
CA GLU B 164 -19.19 -15.81 36.36
C GLU B 164 -18.24 -16.67 37.18
N LEU B 165 -16.94 -16.59 36.90
CA LEU B 165 -15.95 -17.39 37.60
C LEU B 165 -15.65 -16.83 38.99
N SER B 166 -15.38 -15.53 39.07
CA SER B 166 -15.16 -14.85 40.33
C SER B 166 -15.68 -13.43 40.16
N THR B 167 -15.46 -12.59 41.16
CA THR B 167 -16.02 -11.25 41.09
C THR B 167 -15.43 -10.49 39.90
N GLY B 168 -16.30 -10.09 38.98
CA GLY B 168 -15.90 -9.29 37.85
C GLY B 168 -15.16 -10.04 36.76
N CYS B 169 -15.30 -11.37 36.70
CA CYS B 169 -14.58 -12.24 35.76
C CYS B 169 -15.60 -13.19 35.14
N HIS B 170 -15.89 -13.00 33.86
CA HIS B 170 -17.01 -13.67 33.20
C HIS B 170 -16.53 -14.38 31.94
N THR B 171 -17.28 -15.41 31.54
CA THR B 171 -17.02 -16.11 30.30
C THR B 171 -18.32 -16.69 29.76
N GLY B 172 -18.32 -17.04 28.47
CA GLY B 172 -19.48 -17.61 27.80
C GLY B 172 -19.12 -18.49 26.62
N THR B 173 -20.09 -18.75 25.76
CA THR B 173 -19.91 -19.66 24.63
C THR B 173 -19.86 -18.89 23.31
N ASP B 174 -19.18 -19.47 22.33
CA ASP B 174 -19.38 -19.02 20.95
C ASP B 174 -20.70 -19.62 20.45
N PHE B 175 -21.04 -19.31 19.19
CA PHE B 175 -22.32 -19.76 18.67
C PHE B 175 -22.25 -21.12 17.98
N SER B 176 -21.15 -21.85 18.16
CA SER B 176 -21.15 -23.29 17.97
C SER B 176 -21.56 -24.02 19.24
N GLY B 177 -21.72 -23.31 20.35
CA GLY B 177 -22.12 -23.86 21.62
C GLY B 177 -20.99 -24.20 22.57
N ASN B 178 -19.75 -23.90 22.21
CA ASN B 178 -18.59 -24.33 22.97
C ASN B 178 -18.01 -23.17 23.77
N PHE B 179 -17.66 -23.44 25.02
CA PHE B 179 -17.17 -22.42 25.90
C PHE B 179 -15.82 -21.89 25.45
N TYR B 180 -15.54 -20.66 25.85
CA TYR B 180 -14.20 -20.09 25.73
C TYR B 180 -13.38 -20.57 26.92
N GLY B 181 -12.27 -21.26 26.65
CA GLY B 181 -11.44 -21.78 27.70
C GLY B 181 -11.98 -23.07 28.28
N PRO B 182 -11.40 -23.50 29.41
CA PRO B 182 -11.68 -24.82 29.99
C PRO B 182 -12.83 -24.80 31.00
N TYR B 183 -13.93 -24.16 30.65
CA TYR B 183 -15.02 -23.94 31.59
C TYR B 183 -16.29 -24.65 31.11
N ARG B 184 -17.25 -24.80 32.01
CA ARG B 184 -18.48 -25.50 31.69
C ARG B 184 -19.64 -24.93 32.50
N ASP B 185 -20.84 -25.11 31.96
CA ASP B 185 -22.05 -24.54 32.54
C ASP B 185 -22.46 -25.36 33.77
N ALA B 186 -21.70 -25.20 34.85
CA ALA B 186 -22.03 -25.80 36.14
C ALA B 186 -21.51 -24.90 37.25
N GLN B 187 -22.25 -24.84 38.35
CA GLN B 187 -21.89 -23.96 39.46
C GLN B 187 -20.90 -24.62 40.41
N VAL B 188 -19.85 -25.23 39.85
CA VAL B 188 -18.80 -25.86 40.62
C VAL B 188 -17.54 -25.02 40.49
N VAL B 189 -16.53 -25.36 41.31
CA VAL B 189 -15.34 -24.54 41.42
C VAL B 189 -14.58 -24.61 40.10
N GLN B 190 -14.49 -23.48 39.40
CA GLN B 190 -13.75 -23.37 38.14
C GLN B 190 -12.83 -22.15 38.27
N LEU B 191 -11.66 -22.36 38.88
CA LEU B 191 -10.71 -21.27 39.01
C LEU B 191 -10.17 -20.89 37.63
N PRO B 192 -10.03 -19.59 37.35
CA PRO B 192 -9.55 -19.17 36.03
C PRO B 192 -8.05 -19.39 35.88
N VAL B 193 -7.62 -19.54 34.63
CA VAL B 193 -6.21 -19.73 34.29
C VAL B 193 -5.47 -18.42 34.53
N GLN B 194 -4.14 -18.46 34.44
CA GLN B 194 -3.34 -17.26 34.58
C GLN B 194 -3.56 -16.32 33.40
N ASP B 195 -3.76 -15.04 33.68
CA ASP B 195 -3.98 -14.02 32.66
C ASP B 195 -2.71 -13.19 32.49
N TYR B 196 -2.33 -12.98 31.23
CA TYR B 196 -1.16 -12.17 30.89
C TYR B 196 -1.62 -10.86 30.28
N THR B 197 -0.86 -9.79 30.54
CA THR B 197 -1.15 -8.52 29.91
C THR B 197 -0.80 -8.62 28.42
N GLN B 198 -1.79 -8.40 27.56
CA GLN B 198 -1.62 -8.61 26.13
C GLN B 198 -0.70 -7.55 25.54
N THR B 199 0.42 -8.00 24.97
CA THR B 199 1.49 -7.08 24.59
C THR B 199 1.08 -6.17 23.44
N VAL B 200 0.48 -6.73 22.38
CA VAL B 200 0.20 -5.95 21.18
C VAL B 200 -0.76 -4.80 21.50
N ASN B 201 -1.70 -5.02 22.42
CA ASN B 201 -2.63 -3.96 22.78
C ASN B 201 -1.93 -2.84 23.55
N VAL B 202 -1.06 -3.20 24.50
CA VAL B 202 -0.31 -2.20 25.25
C VAL B 202 0.55 -1.36 24.30
N VAL B 203 1.11 -1.99 23.27
CA VAL B 203 1.87 -1.26 22.27
C VAL B 203 0.98 -0.26 21.55
N ALA B 204 -0.21 -0.70 21.14
CA ALA B 204 -1.13 0.21 20.48
C ALA B 204 -1.62 1.31 21.42
N TRP B 205 -1.79 0.98 22.71
CA TRP B 205 -2.24 1.97 23.68
C TRP B 205 -1.19 3.07 23.88
N LEU B 206 0.08 2.67 23.96
CA LEU B 206 1.17 3.64 24.09
C LEU B 206 1.38 4.42 22.79
N TYR B 207 1.10 3.81 21.64
CA TYR B 207 1.05 4.58 20.40
C TYR B 207 -0.06 5.61 20.44
N ALA B 208 -1.25 5.19 20.91
CA ALA B 208 -2.32 6.15 21.16
C ALA B 208 -1.86 7.28 22.07
N ALA B 209 -1.03 6.95 23.07
CA ALA B 209 -0.48 7.97 23.95
C ALA B 209 0.45 8.91 23.21
N ILE B 210 1.34 8.37 22.38
CA ILE B 210 2.30 9.20 21.65
C ILE B 210 1.57 10.17 20.73
N PHE B 211 0.57 9.67 20.02
CA PHE B 211 -0.22 10.54 19.13
C PHE B 211 -0.94 11.64 19.90
N ASN B 212 -1.19 11.44 21.19
CA ASN B 212 -1.85 12.43 22.04
C ASN B 212 -0.85 13.24 22.88
N ARG B 213 0.35 13.45 22.35
CA ARG B 213 1.39 14.28 22.96
C ARG B 213 1.79 13.79 24.36
N CYS B 214 1.72 12.50 24.63
CA CYS B 214 2.20 11.90 25.88
C CYS B 214 3.31 10.91 25.53
N ASN B 215 4.55 11.41 25.42
CA ASN B 215 5.66 10.64 24.87
C ASN B 215 6.92 10.75 25.72
N TRP B 216 6.78 11.04 27.02
CA TRP B 216 7.95 11.18 27.87
C TRP B 216 8.72 9.86 27.99
N PHE B 217 8.02 8.73 27.92
CA PHE B 217 8.63 7.42 28.04
C PHE B 217 9.39 6.99 26.79
N VAL B 218 9.30 7.75 25.71
CA VAL B 218 10.01 7.41 24.47
C VAL B 218 11.48 7.79 24.62
N GLN B 219 12.37 6.82 24.37
CA GLN B 219 13.80 7.06 24.42
C GLN B 219 14.46 6.38 23.22
N SER B 220 15.79 6.52 23.16
CA SER B 220 16.56 5.99 22.04
C SER B 220 16.69 4.46 22.03
N ASP B 221 16.81 3.83 23.19
CA ASP B 221 17.09 2.40 23.27
C ASP B 221 15.96 1.60 22.63
N SER B 222 16.27 0.35 22.35
CA SER B 222 15.42 -0.53 21.56
C SER B 222 15.49 -1.99 22.04
N CYS B 223 14.35 -2.69 21.97
CA CYS B 223 14.25 -4.11 22.33
C CYS B 223 13.24 -4.73 21.38
N SER B 224 13.70 -5.53 20.44
CA SER B 224 12.85 -6.06 19.37
C SER B 224 12.04 -7.23 19.89
N LEU B 225 11.33 -7.87 18.98
CA LEU B 225 10.30 -8.82 19.38
C LEU B 225 10.90 -10.06 20.02
N GLU B 226 11.96 -10.62 19.41
CA GLU B 226 12.49 -11.89 19.90
C GLU B 226 13.06 -11.75 21.31
N GLU B 227 13.77 -10.65 21.59
CA GLU B 227 14.24 -10.41 22.95
C GLU B 227 13.07 -10.26 23.92
N PHE B 228 11.96 -9.68 23.46
CA PHE B 228 10.80 -9.47 24.33
C PHE B 228 10.05 -10.78 24.58
N ASN B 229 9.88 -11.60 23.55
CA ASN B 229 9.03 -12.79 23.68
C ASN B 229 9.58 -13.77 24.70
N VAL B 230 10.89 -14.02 24.68
CA VAL B 230 11.47 -14.94 25.65
C VAL B 230 11.45 -14.33 27.04
N TRP B 231 11.46 -12.99 27.15
CA TRP B 231 11.38 -12.33 28.45
C TRP B 231 9.96 -12.28 28.98
N ALA B 232 8.98 -12.07 28.11
CA ALA B 232 7.57 -12.12 28.49
C ALA B 232 7.12 -13.53 28.85
N MET B 233 7.89 -14.54 28.46
CA MET B 233 7.56 -15.92 28.75
C MET B 233 7.39 -16.16 30.25
N THR B 234 7.99 -15.31 31.08
CA THR B 234 8.05 -15.53 32.52
C THR B 234 7.61 -14.36 33.38
N ASN B 235 7.11 -13.26 32.78
CA ASN B 235 6.77 -12.07 33.55
C ASN B 235 5.37 -11.56 33.22
N GLY B 236 4.45 -12.49 32.95
CA GLY B 236 3.05 -12.14 32.79
C GLY B 236 2.71 -11.29 31.58
N PHE B 237 3.51 -11.37 30.52
CA PHE B 237 3.20 -10.66 29.29
C PHE B 237 3.03 -11.66 28.15
N SER B 238 2.18 -11.29 27.19
CA SER B 238 1.88 -12.16 26.07
C SER B 238 2.99 -12.10 25.02
N SER B 239 3.04 -13.14 24.19
CA SER B 239 3.92 -13.13 23.03
C SER B 239 3.35 -12.19 21.98
N ILE B 240 4.24 -11.47 21.30
CA ILE B 240 3.87 -10.49 20.29
C ILE B 240 4.37 -10.97 18.92
N LYS B 241 3.45 -11.06 17.97
CA LYS B 241 3.79 -11.35 16.59
C LYS B 241 3.88 -10.05 15.80
N ALA B 242 4.45 -10.13 14.60
CA ALA B 242 4.51 -8.97 13.73
C ALA B 242 3.09 -8.53 13.36
N ASP B 243 2.83 -7.24 13.49
CA ASP B 243 1.49 -6.69 13.28
C ASP B 243 1.58 -5.51 12.34
N LEU B 244 0.88 -5.60 11.21
CA LEU B 244 0.99 -4.57 10.17
C LEU B 244 0.30 -3.28 10.58
N VAL B 245 -0.74 -3.36 11.42
CA VAL B 245 -1.40 -2.14 11.89
C VAL B 245 -0.52 -1.42 12.90
N LEU B 246 0.16 -2.16 13.78
CA LEU B 246 1.17 -1.55 14.63
C LEU B 246 2.26 -0.88 13.81
N ASP B 247 2.70 -1.53 12.73
CA ASP B 247 3.67 -0.91 11.83
C ASP B 247 3.12 0.39 11.26
N ALA B 248 1.82 0.42 10.95
CA ALA B 248 1.20 1.65 10.47
C ALA B 248 1.22 2.72 11.55
N LEU B 249 0.92 2.34 12.80
CA LEU B 249 1.04 3.28 13.91
C LEU B 249 2.49 3.70 14.14
N ALA B 250 3.44 2.83 13.81
CA ALA B 250 4.85 3.16 13.97
C ALA B 250 5.28 4.25 12.98
N SER B 251 4.81 4.17 11.74
CA SER B 251 5.21 5.17 10.75
C SER B 251 4.54 6.51 11.01
N MET B 252 3.31 6.51 11.52
CA MET B 252 2.62 7.76 11.83
C MET B 252 3.31 8.51 12.95
N THR B 253 3.61 7.81 14.05
CA THR B 253 4.19 8.45 15.23
C THR B 253 5.70 8.62 15.14
N GLY B 254 6.35 8.01 14.16
CA GLY B 254 7.79 8.08 14.08
C GLY B 254 8.51 7.39 15.23
N VAL B 255 7.88 6.37 15.81
CA VAL B 255 8.48 5.57 16.88
C VAL B 255 8.28 4.11 16.53
N THR B 256 9.39 3.37 16.41
CA THR B 256 9.31 1.97 16.02
C THR B 256 8.67 1.14 17.14
N VAL B 257 8.07 0.02 16.73
CA VAL B 257 7.54 -0.95 17.70
C VAL B 257 8.67 -1.39 18.62
N GLU B 258 9.89 -1.39 18.08
CA GLU B 258 11.05 -1.86 18.80
C GLU B 258 11.31 -1.01 20.04
N GLN B 259 11.11 0.30 19.95
CA GLN B 259 11.33 1.17 21.10
C GLN B 259 10.23 1.01 22.14
N VAL B 260 8.99 0.85 21.71
CA VAL B 260 7.92 0.76 22.70
C VAL B 260 7.88 -0.61 23.35
N LEU B 261 8.36 -1.65 22.66
CA LEU B 261 8.58 -2.93 23.34
C LEU B 261 9.62 -2.79 24.45
N ALA B 262 10.61 -1.93 24.25
CA ALA B 262 11.54 -1.61 25.33
C ALA B 262 10.88 -0.76 26.41
N ALA B 263 9.90 0.08 26.02
CA ALA B 263 9.21 0.91 27.00
C ALA B 263 8.42 0.07 27.99
N ILE B 264 7.79 -1.00 27.50
CA ILE B 264 7.04 -1.89 28.38
C ILE B 264 7.94 -2.50 29.44
N LYS B 265 9.23 -2.71 29.11
CA LYS B 265 10.16 -3.20 30.12
C LYS B 265 10.62 -2.08 31.05
N ARG B 266 11.06 -0.96 30.48
CA ARG B 266 11.50 0.17 31.30
C ARG B 266 10.39 0.69 32.20
N LEU B 267 9.13 0.49 31.84
CA LEU B 267 8.00 0.95 32.63
C LEU B 267 7.21 -0.19 33.25
N HIS B 268 7.70 -1.39 33.09
CA HIS B 268 7.02 -2.47 33.72
C HIS B 268 7.16 -2.28 35.18
N SER B 269 8.39 -1.99 35.60
CA SER B 269 8.72 -1.78 37.00
C SER B 269 8.10 -0.55 37.66
N GLY B 270 8.19 0.64 37.04
CA GLY B 270 7.51 1.82 37.57
C GLY B 270 7.22 3.06 36.72
N PHE B 271 6.06 3.65 36.87
CA PHE B 271 5.90 4.84 36.10
C PHE B 271 6.46 5.89 36.99
N GLN B 272 5.83 6.01 38.17
CA GLN B 272 6.19 6.90 39.22
C GLN B 272 6.39 8.24 38.59
N GLY B 273 5.43 8.66 37.78
CA GLY B 273 5.57 9.90 37.05
C GLY B 273 4.21 10.50 36.73
N LYS B 274 4.09 11.02 35.54
CA LYS B 274 2.76 11.28 35.14
C LYS B 274 2.19 9.87 34.83
N GLN B 275 0.92 9.89 34.67
CA GLN B 275 0.29 8.72 34.15
C GLN B 275 0.37 8.85 32.63
N ILE B 276 0.23 7.74 32.00
CA ILE B 276 0.11 7.68 30.55
C ILE B 276 -1.38 7.73 30.23
N LEU B 277 -1.85 8.89 29.75
CA LEU B 277 -3.27 9.12 29.50
C LEU B 277 -4.10 8.93 30.77
N GLY B 278 -3.53 9.33 31.90
CA GLY B 278 -4.22 9.22 33.16
C GLY B 278 -4.28 7.82 33.73
N SER B 279 -3.29 6.97 33.47
CA SER B 279 -3.27 5.62 33.99
C SER B 279 -1.90 5.28 34.56
N CYS B 280 -1.89 4.53 35.65
CA CYS B 280 -0.68 4.06 36.29
C CYS B 280 -0.34 2.62 35.95
N VAL B 281 -1.17 1.97 35.14
CA VAL B 281 -0.99 0.56 34.82
C VAL B 281 -1.15 0.39 33.31
N PHE B 282 -0.49 -0.64 32.76
CA PHE B 282 -0.60 -0.94 31.35
C PHE B 282 -2.06 -1.22 30.97
N GLU B 283 -2.56 -0.50 29.96
CA GLU B 283 -3.90 -0.70 29.44
C GLU B 283 -3.80 -1.61 28.22
N ASP B 284 -4.36 -2.81 28.33
CA ASP B 284 -4.29 -3.80 27.26
C ASP B 284 -5.67 -4.11 26.70
N GLU B 285 -6.59 -3.16 26.76
CA GLU B 285 -7.96 -3.38 26.35
C GLU B 285 -8.27 -2.83 24.96
N LEU B 286 -7.29 -2.25 24.29
CA LEU B 286 -7.49 -1.65 22.97
C LEU B 286 -6.57 -2.31 21.95
N THR B 287 -7.16 -2.98 20.96
CA THR B 287 -6.38 -3.61 19.90
C THR B 287 -5.76 -2.55 19.00
N PRO B 288 -4.74 -2.92 18.22
CA PRO B 288 -4.18 -1.97 17.24
C PRO B 288 -5.23 -1.37 16.30
N SER B 289 -6.19 -2.18 15.85
CA SER B 289 -7.27 -1.67 15.02
C SER B 289 -8.08 -0.61 15.76
N ASP B 290 -8.41 -0.87 17.03
CA ASP B 290 -9.16 0.11 17.81
C ASP B 290 -8.42 1.42 17.92
N VAL B 291 -7.11 1.35 18.24
CA VAL B 291 -6.32 2.56 18.34
C VAL B 291 -6.17 3.23 16.98
N TYR B 292 -6.03 2.44 15.91
CA TYR B 292 -5.90 3.03 14.59
C TYR B 292 -7.17 3.79 14.20
N GLN B 293 -8.33 3.14 14.34
CA GLN B 293 -9.57 3.80 13.95
C GLN B 293 -9.84 5.05 14.79
N GLN B 294 -9.20 5.19 15.95
CA GLN B 294 -9.35 6.44 16.70
C GLN B 294 -8.27 7.46 16.38
N LEU B 295 -7.17 7.07 15.75
CA LEU B 295 -6.17 8.04 15.32
C LEU B 295 -6.36 8.47 13.87
N ALA B 296 -7.03 7.67 13.07
CA ALA B 296 -7.26 7.95 11.65
C ALA B 296 -8.17 6.87 11.08
N GLY B 297 -8.72 7.14 9.90
CA GLY B 297 -9.55 6.16 9.22
C GLY B 297 -10.99 6.08 9.71
N VAL B 298 -11.38 6.88 10.68
CA VAL B 298 -12.72 6.86 11.19
C VAL B 298 -13.59 7.80 10.35
N SER C 1 -4.63 11.65 -0.90
CA SER C 1 -3.19 11.39 -0.90
C SER C 1 -2.64 10.92 -2.25
N GLY C 2 -3.46 10.30 -3.07
CA GLY C 2 -3.03 9.95 -4.41
C GLY C 2 -2.16 8.71 -4.49
N ILE C 3 -2.33 7.95 -5.56
CA ILE C 3 -1.63 6.69 -5.76
C ILE C 3 -1.00 6.70 -7.14
N VAL C 4 0.23 6.21 -7.24
CA VAL C 4 0.97 6.20 -8.50
C VAL C 4 1.67 4.86 -8.64
N LYS C 5 2.25 4.62 -9.82
CA LYS C 5 3.17 3.50 -10.02
C LYS C 5 4.55 3.98 -9.58
N MET C 6 4.98 3.54 -8.40
CA MET C 6 6.28 3.96 -7.90
C MET C 6 7.38 2.98 -8.33
N VAL C 7 8.62 3.46 -8.35
CA VAL C 7 9.78 2.62 -8.65
C VAL C 7 10.79 2.74 -7.53
N SER C 8 11.61 1.69 -7.39
CA SER C 8 12.67 1.68 -6.39
C SER C 8 13.81 2.61 -6.80
N PRO C 9 14.48 3.22 -5.83
CA PRO C 9 15.67 4.01 -6.13
C PRO C 9 16.74 3.18 -6.83
N THR C 10 17.45 3.84 -7.76
CA THR C 10 18.34 3.15 -8.68
C THR C 10 19.82 3.34 -8.34
N SER C 11 20.15 3.85 -7.15
CA SER C 11 21.52 4.28 -6.91
C SER C 11 22.48 3.12 -6.69
N LYS C 12 22.01 1.98 -6.22
CA LYS C 12 22.90 0.85 -6.03
C LYS C 12 22.90 -0.11 -7.21
N VAL C 13 21.99 0.07 -8.17
CA VAL C 13 22.01 -0.74 -9.39
C VAL C 13 22.80 -0.06 -10.50
N GLU C 14 22.68 1.28 -10.61
CA GLU C 14 23.39 2.04 -11.65
C GLU C 14 24.89 1.79 -11.73
N PRO C 15 25.65 1.75 -10.63
CA PRO C 15 27.10 1.52 -10.76
C PRO C 15 27.48 0.11 -11.20
N CYS C 16 26.51 -0.78 -11.40
CA CYS C 16 26.78 -2.12 -11.87
C CYS C 16 26.45 -2.30 -13.35
N ILE C 17 25.83 -1.31 -13.99
CA ILE C 17 25.51 -1.44 -15.40
C ILE C 17 26.78 -1.31 -16.23
N VAL C 18 26.99 -2.27 -17.14
CA VAL C 18 28.14 -2.27 -18.04
C VAL C 18 27.64 -2.65 -19.44
N SER C 19 28.52 -2.45 -20.42
CA SER C 19 28.23 -2.77 -21.81
C SER C 19 29.09 -3.94 -22.25
N VAL C 20 28.46 -4.96 -22.83
CA VAL C 20 29.13 -6.16 -23.30
C VAL C 20 29.08 -6.14 -24.82
N THR C 21 30.23 -6.39 -25.46
CA THR C 21 30.29 -6.38 -26.91
C THR C 21 31.14 -7.54 -27.40
N TYR C 22 30.53 -8.43 -28.19
CA TYR C 22 31.22 -9.51 -28.89
C TYR C 22 30.84 -9.42 -30.36
N GLY C 23 31.85 -9.50 -31.23
CA GLY C 23 31.58 -9.42 -32.65
C GLY C 23 31.07 -8.05 -33.03
N ASN C 24 29.89 -8.03 -33.65
CA ASN C 24 29.30 -6.77 -34.08
C ASN C 24 28.34 -6.20 -33.06
N MET C 25 27.96 -7.00 -32.08
CA MET C 25 26.78 -6.76 -31.25
C MET C 25 27.17 -6.23 -29.87
N THR C 26 26.40 -5.24 -29.41
CA THR C 26 26.55 -4.69 -28.07
C THR C 26 25.22 -4.76 -27.35
N LEU C 27 25.25 -5.23 -26.11
CA LEU C 27 24.08 -5.18 -25.24
C LEU C 27 24.55 -4.76 -23.84
N ASN C 28 23.66 -4.89 -22.86
CA ASN C 28 23.96 -4.44 -21.51
C ASN C 28 24.23 -5.63 -20.60
N GLY C 29 25.04 -5.39 -19.57
CA GLY C 29 25.36 -6.42 -18.61
C GLY C 29 25.22 -5.90 -17.19
N LEU C 30 25.30 -6.84 -16.24
CA LEU C 30 25.30 -6.53 -14.82
C LEU C 30 26.63 -6.99 -14.24
N TRP C 31 27.36 -6.06 -13.61
CA TRP C 31 28.68 -6.33 -13.08
C TRP C 31 28.58 -6.37 -11.56
N LEU C 32 28.62 -7.57 -10.99
CA LEU C 32 28.59 -7.80 -9.55
C LEU C 32 29.82 -8.61 -9.18
N ASP C 33 30.52 -8.16 -8.12
CA ASP C 33 31.72 -8.84 -7.62
C ASP C 33 32.73 -8.90 -8.76
N ASP C 34 33.17 -10.09 -9.19
CA ASP C 34 34.03 -10.24 -10.35
C ASP C 34 33.30 -10.86 -11.52
N LYS C 35 31.97 -10.86 -11.50
CA LYS C 35 31.15 -11.50 -12.53
C LYS C 35 30.40 -10.44 -13.32
N VAL C 36 30.06 -10.79 -14.56
CA VAL C 36 29.27 -9.94 -15.44
C VAL C 36 28.22 -10.82 -16.12
N TYR C 37 26.96 -10.62 -15.77
CA TYR C 37 25.83 -11.35 -16.32
C TYR C 37 25.27 -10.59 -17.52
N CYS C 38 24.98 -11.33 -18.59
CA CYS C 38 24.42 -10.75 -19.81
C CYS C 38 23.74 -11.86 -20.59
N PRO C 39 22.87 -11.53 -21.55
CA PRO C 39 22.23 -12.59 -22.35
C PRO C 39 23.24 -13.31 -23.23
N ARG C 40 23.03 -14.61 -23.41
CA ARG C 40 23.97 -15.41 -24.20
C ARG C 40 23.89 -15.10 -25.69
N HIS C 41 22.82 -14.47 -26.18
CA HIS C 41 22.74 -14.19 -27.63
C HIS C 41 23.66 -13.05 -28.07
N VAL C 42 24.57 -12.60 -27.19
CA VAL C 42 25.60 -11.63 -27.57
C VAL C 42 26.69 -12.25 -28.43
N ILE C 43 26.69 -13.57 -28.58
CA ILE C 43 27.72 -14.27 -29.34
C ILE C 43 27.17 -14.91 -30.61
N CYS C 44 25.97 -14.49 -31.06
CA CYS C 44 25.36 -15.16 -32.18
C CYS C 44 25.73 -14.54 -33.52
N SER C 45 25.06 -13.44 -33.90
CA SER C 45 25.10 -12.88 -35.25
C SER C 45 24.50 -13.87 -36.25
N ASP C 46 24.13 -15.06 -35.76
CA ASP C 46 23.63 -16.13 -36.60
C ASP C 46 22.15 -15.97 -36.88
N MET C 47 21.48 -15.03 -36.20
CA MET C 47 20.06 -14.70 -36.35
C MET C 47 19.18 -15.91 -36.08
N THR C 48 17.86 -15.70 -36.17
CA THR C 48 16.85 -16.74 -36.02
C THR C 48 17.13 -17.65 -34.83
N ASP C 49 17.41 -18.94 -35.10
CA ASP C 49 17.63 -19.94 -34.07
C ASP C 49 19.10 -20.32 -33.99
N PRO C 50 19.89 -19.71 -33.12
CA PRO C 50 21.33 -19.99 -33.11
C PRO C 50 21.61 -21.38 -32.56
N ASP C 51 22.88 -21.78 -32.68
CA ASP C 51 23.38 -23.04 -32.16
C ASP C 51 24.39 -22.75 -31.06
N TYR C 52 23.89 -22.25 -29.94
CA TYR C 52 24.73 -21.76 -28.84
C TYR C 52 25.76 -22.77 -28.34
N PRO C 53 25.48 -24.07 -28.26
CA PRO C 53 26.55 -25.00 -27.83
C PRO C 53 27.78 -24.97 -28.72
N ASN C 54 27.60 -25.06 -30.05
CA ASN C 54 28.77 -25.06 -30.90
C ASN C 54 29.35 -23.66 -31.10
N LEU C 55 28.49 -22.63 -31.11
CA LEU C 55 29.01 -21.27 -31.24
C LEU C 55 29.92 -20.89 -30.10
N LEU C 56 29.81 -21.58 -28.95
CA LEU C 56 30.55 -21.18 -27.76
C LEU C 56 32.02 -21.61 -27.80
N CYS C 57 32.41 -22.52 -28.70
CA CYS C 57 33.77 -23.04 -28.68
C CYS C 57 34.72 -22.21 -29.54
N ARG C 58 34.21 -21.54 -30.58
CA ARG C 58 35.01 -20.52 -31.26
C ARG C 58 35.25 -19.31 -30.35
N VAL C 59 34.39 -19.11 -29.36
CA VAL C 59 34.46 -17.95 -28.47
C VAL C 59 35.75 -18.00 -27.69
N THR C 60 36.44 -16.86 -27.62
CA THR C 60 37.61 -16.68 -26.78
C THR C 60 37.41 -15.46 -25.89
N SER C 61 37.90 -15.55 -24.65
CA SER C 61 37.63 -14.53 -23.65
C SER C 61 38.07 -13.14 -24.10
N SER C 62 39.10 -13.06 -24.93
CA SER C 62 39.65 -11.75 -25.30
C SER C 62 38.85 -11.07 -26.42
N ASP C 63 37.81 -11.69 -26.95
CA ASP C 63 36.94 -11.03 -27.91
C ASP C 63 35.68 -10.45 -27.29
N PHE C 64 35.61 -10.38 -25.96
CA PHE C 64 34.54 -9.67 -25.25
C PHE C 64 35.05 -8.29 -24.87
N CYS C 65 34.27 -7.26 -25.19
CA CYS C 65 34.56 -5.89 -24.77
C CYS C 65 33.58 -5.49 -23.69
N VAL C 66 34.05 -5.43 -22.45
CA VAL C 66 33.25 -5.03 -21.30
C VAL C 66 33.69 -3.63 -20.90
N MET C 67 32.72 -2.73 -20.72
CA MET C 67 32.99 -1.33 -20.44
C MET C 67 32.11 -0.86 -19.29
N SER C 68 32.73 -0.54 -18.16
CA SER C 68 32.05 0.13 -17.05
C SER C 68 32.31 1.61 -17.20
N GLY C 69 31.37 2.32 -17.82
CA GLY C 69 31.57 3.71 -18.14
C GLY C 69 32.60 3.87 -19.23
N ARG C 70 33.81 4.31 -18.88
CA ARG C 70 34.92 4.32 -19.81
C ARG C 70 36.08 3.46 -19.36
N MET C 71 36.00 2.86 -18.17
CA MET C 71 36.93 1.81 -17.80
C MET C 71 36.63 0.56 -18.60
N SER C 72 37.68 -0.20 -18.93
CA SER C 72 37.54 -1.44 -19.67
C SER C 72 37.94 -2.61 -18.78
N LEU C 73 37.05 -3.59 -18.67
CA LEU C 73 37.35 -4.81 -17.96
C LEU C 73 37.76 -5.88 -18.96
N THR C 74 38.57 -6.82 -18.50
CA THR C 74 39.04 -7.92 -19.32
C THR C 74 38.45 -9.22 -18.79
N VAL C 75 38.10 -10.10 -19.72
CA VAL C 75 37.48 -11.38 -19.40
C VAL C 75 38.56 -12.44 -19.21
N MET C 76 38.58 -13.07 -18.04
CA MET C 76 39.41 -14.25 -17.82
C MET C 76 38.72 -15.50 -18.38
N SER C 77 37.57 -15.86 -17.81
CA SER C 77 36.83 -17.03 -18.21
C SER C 77 35.37 -16.65 -18.41
N TYR C 78 34.58 -17.60 -18.89
CA TYR C 78 33.16 -17.40 -19.08
C TYR C 78 32.45 -18.74 -18.84
N GLN C 79 31.11 -18.68 -18.85
CA GLN C 79 30.30 -19.86 -18.55
C GLN C 79 28.90 -19.61 -19.05
N MET C 80 28.35 -20.55 -19.81
CA MET C 80 26.99 -20.45 -20.29
C MET C 80 26.07 -21.15 -19.29
N GLN C 81 25.09 -20.42 -18.78
CA GLN C 81 24.16 -20.92 -17.78
C GLN C 81 22.75 -20.58 -18.22
N GLY C 82 22.04 -21.58 -18.70
CA GLY C 82 20.70 -21.30 -19.21
C GLY C 82 20.82 -20.50 -20.48
N CYS C 83 20.17 -19.34 -20.52
CA CYS C 83 20.25 -18.46 -21.68
C CYS C 83 21.05 -17.19 -21.40
N GLN C 84 21.93 -17.21 -20.41
CA GLN C 84 22.79 -16.08 -20.10
C GLN C 84 24.24 -16.54 -19.99
N LEU C 85 25.15 -15.58 -20.17
CA LEU C 85 26.57 -15.81 -20.00
C LEU C 85 27.03 -15.16 -18.69
N VAL C 86 27.83 -15.87 -17.92
CA VAL C 86 28.40 -15.32 -16.70
C VAL C 86 29.89 -15.14 -16.97
N LEU C 87 30.28 -13.91 -17.24
CA LEU C 87 31.66 -13.58 -17.57
C LEU C 87 32.43 -13.30 -16.29
N THR C 88 33.63 -13.86 -16.20
CA THR C 88 34.54 -13.57 -15.10
C THR C 88 35.53 -12.52 -15.57
N VAL C 89 35.71 -11.47 -14.77
CA VAL C 89 36.56 -10.36 -15.16
C VAL C 89 37.70 -10.22 -14.14
N THR C 90 38.64 -9.35 -14.49
CA THR C 90 39.83 -9.16 -13.67
C THR C 90 39.51 -8.47 -12.36
N LEU C 91 38.60 -7.50 -12.39
CA LEU C 91 38.39 -6.56 -11.30
C LEU C 91 37.11 -6.90 -10.55
N GLN C 92 37.21 -6.99 -9.23
CA GLN C 92 36.03 -6.98 -8.39
C GLN C 92 35.36 -5.61 -8.50
N ASN C 93 34.05 -5.60 -8.72
CA ASN C 93 33.32 -4.33 -8.78
C ASN C 93 33.36 -3.64 -7.43
N PRO C 94 33.95 -2.44 -7.31
CA PRO C 94 34.05 -1.79 -5.99
C PRO C 94 32.75 -1.17 -5.52
N ASN C 95 31.70 -1.15 -6.35
CA ASN C 95 30.39 -0.65 -5.96
C ASN C 95 29.34 -1.74 -5.96
N THR C 96 29.73 -2.95 -5.56
CA THR C 96 28.79 -4.05 -5.43
C THR C 96 27.94 -3.84 -4.20
N PRO C 97 26.61 -3.79 -4.31
CA PRO C 97 25.76 -3.73 -3.14
C PRO C 97 25.53 -5.14 -2.59
N LYS C 98 25.11 -5.19 -1.32
CA LYS C 98 24.60 -6.45 -0.78
C LYS C 98 23.45 -6.92 -1.64
N TYR C 99 23.60 -8.09 -2.26
CA TYR C 99 22.65 -8.49 -3.29
C TYR C 99 22.39 -9.99 -3.23
N SER C 100 21.21 -10.37 -3.73
CA SER C 100 20.80 -11.75 -3.84
C SER C 100 20.17 -11.95 -5.22
N PHE C 101 19.75 -13.18 -5.49
CA PHE C 101 19.04 -13.50 -6.72
C PHE C 101 17.68 -14.11 -6.39
N GLY C 102 16.65 -13.71 -7.14
CA GLY C 102 15.30 -14.15 -6.85
C GLY C 102 14.50 -14.34 -8.13
N VAL C 103 13.31 -14.92 -7.96
CA VAL C 103 12.39 -15.17 -9.06
C VAL C 103 11.02 -14.64 -8.65
N VAL C 104 10.51 -13.67 -9.41
CA VAL C 104 9.18 -13.12 -9.13
C VAL C 104 8.12 -14.04 -9.71
N LYS C 105 6.98 -14.10 -9.04
CA LYS C 105 5.83 -14.88 -9.44
C LYS C 105 4.78 -13.95 -10.03
N PRO C 106 3.81 -14.49 -10.78
CA PRO C 106 2.78 -13.63 -11.39
C PRO C 106 2.07 -12.78 -10.35
N GLY C 107 1.76 -11.54 -10.73
CA GLY C 107 1.16 -10.56 -9.86
C GLY C 107 2.17 -9.65 -9.18
N GLU C 108 3.36 -10.16 -8.86
CA GLU C 108 4.36 -9.39 -8.15
C GLU C 108 5.04 -8.39 -9.10
N THR C 109 5.55 -7.31 -8.50
CA THR C 109 6.12 -6.19 -9.25
C THR C 109 7.62 -6.07 -8.98
N PHE C 110 8.27 -5.28 -9.83
CA PHE C 110 9.67 -4.94 -9.67
C PHE C 110 9.99 -3.76 -10.59
N THR C 111 11.17 -3.18 -10.38
CA THR C 111 11.63 -2.02 -11.12
C THR C 111 12.60 -2.44 -12.21
N VAL C 112 12.35 -1.97 -13.43
CA VAL C 112 13.25 -2.19 -14.56
C VAL C 112 14.09 -0.94 -14.76
N LEU C 113 15.41 -1.09 -14.78
CA LEU C 113 16.32 0.01 -15.10
C LEU C 113 16.75 -0.14 -16.56
N ALA C 114 16.05 0.55 -17.46
CA ALA C 114 16.35 0.44 -18.89
C ALA C 114 17.70 1.07 -19.20
N ALA C 115 18.55 0.32 -19.91
CA ALA C 115 19.88 0.76 -20.26
C ALA C 115 20.13 0.58 -21.76
N TYR C 116 21.04 1.39 -22.29
CA TYR C 116 21.50 1.27 -23.66
C TYR C 116 22.98 1.55 -23.67
N ASN C 117 23.75 0.73 -24.39
CA ASN C 117 25.20 0.82 -24.42
C ASN C 117 25.78 0.93 -23.00
N GLY C 118 25.23 0.14 -22.09
CA GLY C 118 25.74 0.11 -20.73
C GLY C 118 25.57 1.40 -19.96
N ARG C 119 24.57 2.21 -20.31
CA ARG C 119 24.32 3.49 -19.65
C ARG C 119 22.85 3.58 -19.27
N PRO C 120 22.52 3.70 -18.00
CA PRO C 120 21.11 3.77 -17.61
C PRO C 120 20.45 5.03 -18.14
N GLN C 121 19.28 4.86 -18.75
CA GLN C 121 18.51 6.00 -19.24
C GLN C 121 17.23 6.27 -18.47
N GLY C 122 16.62 5.28 -17.83
CA GLY C 122 15.46 5.53 -17.00
C GLY C 122 15.02 4.26 -16.31
N ALA C 123 13.96 4.39 -15.50
CA ALA C 123 13.41 3.25 -14.78
C ALA C 123 11.90 3.31 -14.82
N PHE C 124 11.26 2.14 -14.73
CA PHE C 124 9.80 2.09 -14.75
C PHE C 124 9.28 0.89 -13.97
N HIS C 125 8.01 1.00 -13.58
CA HIS C 125 7.30 -0.02 -12.81
C HIS C 125 6.68 -1.05 -13.74
N VAL C 126 6.82 -2.32 -13.37
CA VAL C 126 6.32 -3.43 -14.18
C VAL C 126 5.73 -4.51 -13.28
N THR C 127 4.78 -5.26 -13.83
CA THR C 127 4.07 -6.33 -13.14
C THR C 127 4.19 -7.59 -13.97
N LEU C 128 4.66 -8.67 -13.35
CA LEU C 128 4.70 -9.96 -14.05
C LEU C 128 3.28 -10.48 -14.23
N ARG C 129 2.87 -10.65 -15.50
CA ARG C 129 1.55 -11.18 -15.80
C ARG C 129 1.55 -12.70 -15.60
N SER C 130 0.35 -13.29 -15.73
CA SER C 130 0.27 -14.75 -15.69
C SER C 130 0.79 -15.38 -16.98
N SER C 131 0.97 -14.57 -18.04
CA SER C 131 1.72 -14.97 -19.23
C SER C 131 3.21 -15.08 -18.96
N HIS C 132 3.65 -14.76 -17.75
CA HIS C 132 5.07 -14.62 -17.42
C HIS C 132 5.74 -13.61 -18.35
N THR C 133 5.03 -12.51 -18.61
CA THR C 133 5.50 -11.41 -19.43
C THR C 133 5.30 -10.10 -18.67
N ILE C 134 5.92 -9.04 -19.15
CA ILE C 134 5.77 -7.71 -18.57
C ILE C 134 5.43 -6.73 -19.68
N LYS C 135 4.74 -5.67 -19.32
CA LYS C 135 4.41 -4.59 -20.26
C LYS C 135 5.40 -3.47 -20.01
N GLY C 136 6.54 -3.53 -20.68
CA GLY C 136 7.57 -2.53 -20.49
C GLY C 136 7.70 -1.57 -21.65
N SER C 137 8.92 -1.07 -21.86
CA SER C 137 9.23 -0.19 -23.00
C SER C 137 10.69 -0.44 -23.36
N PHE C 138 10.91 -1.18 -24.46
CA PHE C 138 12.26 -1.60 -24.83
C PHE C 138 12.46 -1.45 -26.34
N LEU C 139 13.64 -0.99 -26.72
CA LEU C 139 14.06 -0.87 -28.11
C LEU C 139 15.31 -1.71 -28.35
N CYS C 140 15.85 -1.63 -29.56
CA CYS C 140 17.11 -2.32 -29.85
C CYS C 140 18.24 -1.71 -29.04
N GLY C 141 19.06 -2.57 -28.45
CA GLY C 141 20.10 -2.14 -27.54
C GLY C 141 19.74 -2.25 -26.08
N SER C 142 18.51 -2.65 -25.75
CA SER C 142 18.05 -2.67 -24.36
C SER C 142 18.15 -4.04 -23.70
N CYS C 143 18.54 -5.09 -24.43
CA CYS C 143 18.72 -6.40 -23.80
C CYS C 143 19.85 -6.33 -22.78
N GLY C 144 19.64 -6.98 -21.63
CA GLY C 144 20.55 -6.88 -20.51
C GLY C 144 20.17 -5.84 -19.47
N SER C 145 19.09 -5.09 -19.68
CA SER C 145 18.60 -4.20 -18.64
C SER C 145 17.97 -5.02 -17.52
N VAL C 146 18.35 -4.73 -16.28
CA VAL C 146 17.98 -5.60 -15.16
C VAL C 146 16.69 -5.13 -14.53
N GLY C 147 15.95 -6.09 -13.99
CA GLY C 147 14.81 -5.83 -13.12
C GLY C 147 15.17 -6.30 -11.71
N TYR C 148 14.88 -5.46 -10.73
CA TYR C 148 15.29 -5.72 -9.37
C TYR C 148 14.23 -5.21 -8.41
N VAL C 149 14.30 -5.70 -7.16
CA VAL C 149 13.52 -5.14 -6.06
C VAL C 149 14.48 -4.73 -4.97
N LEU C 150 14.18 -3.61 -4.31
CA LEU C 150 14.89 -3.20 -3.13
C LEU C 150 14.22 -3.83 -1.91
N THR C 151 14.96 -4.65 -1.18
CA THR C 151 14.48 -5.21 0.08
C THR C 151 15.23 -4.48 1.19
N GLY C 152 14.87 -3.20 1.39
CA GLY C 152 15.50 -2.36 2.38
C GLY C 152 16.81 -1.76 1.92
N ASP C 153 17.92 -2.41 2.24
CA ASP C 153 19.26 -1.95 1.86
C ASP C 153 19.94 -2.89 0.88
N SER C 154 19.27 -3.97 0.50
CA SER C 154 19.84 -4.97 -0.37
C SER C 154 19.06 -5.06 -1.69
N VAL C 155 19.76 -5.49 -2.74
CA VAL C 155 19.15 -5.60 -4.07
C VAL C 155 18.90 -7.07 -4.35
N ARG C 156 17.68 -7.39 -4.79
CA ARG C 156 17.35 -8.75 -5.23
C ARG C 156 17.05 -8.67 -6.73
N PHE C 157 18.07 -8.99 -7.53
CA PHE C 157 17.93 -9.02 -8.98
C PHE C 157 17.03 -10.18 -9.38
N VAL C 158 16.12 -9.94 -10.32
CA VAL C 158 15.06 -10.90 -10.61
C VAL C 158 14.86 -11.03 -12.12
N TYR C 159 15.33 -10.06 -12.89
CA TYR C 159 14.97 -10.01 -14.30
C TYR C 159 16.12 -9.47 -15.14
N MET C 160 16.29 -10.07 -16.32
CA MET C 160 17.23 -9.59 -17.34
C MET C 160 16.53 -9.65 -18.69
N HIS C 161 16.27 -8.49 -19.28
CA HIS C 161 15.46 -8.42 -20.49
C HIS C 161 16.16 -9.08 -21.67
N GLN C 162 15.39 -9.80 -22.50
CA GLN C 162 15.95 -10.51 -23.65
C GLN C 162 15.06 -10.52 -24.88
N LEU C 163 13.73 -10.51 -24.75
CA LEU C 163 12.86 -10.85 -25.86
C LEU C 163 11.63 -9.95 -25.86
N GLU C 164 11.04 -9.77 -27.04
CA GLU C 164 9.76 -9.07 -27.19
C GLU C 164 8.80 -10.00 -27.93
N LEU C 165 7.83 -10.56 -27.20
CA LEU C 165 6.91 -11.51 -27.82
C LEU C 165 6.01 -10.81 -28.84
N SER C 166 5.27 -9.81 -28.38
CA SER C 166 4.35 -9.06 -29.22
C SER C 166 4.57 -7.58 -28.99
N THR C 167 3.74 -6.73 -29.60
CA THR C 167 3.86 -5.29 -29.40
C THR C 167 3.53 -4.94 -27.94
N GLY C 168 4.49 -4.35 -27.24
CA GLY C 168 4.30 -4.00 -25.84
C GLY C 168 4.32 -5.16 -24.88
N CYS C 169 4.79 -6.34 -25.29
CA CYS C 169 4.82 -7.52 -24.43
C CYS C 169 6.24 -8.07 -24.41
N HIS C 170 6.86 -8.07 -23.23
CA HIS C 170 8.27 -8.44 -23.11
C HIS C 170 8.45 -9.53 -22.06
N THR C 171 9.59 -10.21 -22.15
CA THR C 171 9.98 -11.23 -21.18
C THR C 171 11.50 -11.35 -21.14
N GLY C 172 11.99 -12.14 -20.20
CA GLY C 172 13.41 -12.32 -20.06
C GLY C 172 13.73 -13.45 -19.10
N THR C 173 14.95 -13.42 -18.57
CA THR C 173 15.46 -14.50 -17.74
C THR C 173 15.69 -14.03 -16.32
N ASP C 174 15.65 -14.97 -15.38
CA ASP C 174 16.15 -14.70 -14.05
C ASP C 174 17.68 -14.82 -14.09
N PHE C 175 18.33 -14.69 -12.93
CA PHE C 175 19.77 -14.72 -12.87
C PHE C 175 20.33 -16.10 -12.59
N SER C 176 19.54 -17.13 -12.85
CA SER C 176 20.03 -18.48 -13.07
C SER C 176 20.01 -18.86 -14.53
N GLY C 177 19.55 -17.94 -15.40
CA GLY C 177 19.53 -18.14 -16.83
C GLY C 177 18.21 -18.61 -17.41
N ASN C 178 17.21 -18.91 -16.58
CA ASN C 178 15.97 -19.52 -17.04
C ASN C 178 14.96 -18.45 -17.42
N PHE C 179 14.34 -18.61 -18.57
CA PHE C 179 13.32 -17.67 -19.02
C PHE C 179 12.08 -17.73 -18.13
N TYR C 180 11.46 -16.57 -17.96
CA TYR C 180 10.13 -16.53 -17.34
C TYR C 180 9.10 -17.02 -18.35
N GLY C 181 8.43 -18.12 -18.02
CA GLY C 181 7.46 -18.71 -18.91
C GLY C 181 8.13 -19.56 -19.96
N PRO C 182 7.32 -20.16 -20.87
CA PRO C 182 7.83 -21.12 -21.85
C PRO C 182 8.41 -20.48 -23.10
N TYR C 183 9.41 -19.61 -22.91
CA TYR C 183 10.01 -18.87 -24.00
C TYR C 183 11.51 -19.09 -24.04
N ARG C 184 12.11 -18.78 -25.19
CA ARG C 184 13.52 -19.03 -25.40
C ARG C 184 14.11 -17.92 -26.27
N ASP C 185 15.43 -17.82 -26.24
CA ASP C 185 16.17 -16.74 -26.91
C ASP C 185 16.37 -17.08 -28.39
N ALA C 186 15.26 -17.09 -29.11
CA ALA C 186 15.25 -17.34 -30.55
C ALA C 186 14.14 -16.49 -31.17
N GLN C 187 14.37 -16.05 -32.41
CA GLN C 187 13.40 -15.25 -33.13
C GLN C 187 12.38 -16.15 -33.85
N VAL C 188 11.79 -17.04 -33.06
CA VAL C 188 10.79 -17.99 -33.51
C VAL C 188 9.43 -17.50 -33.05
N VAL C 189 8.37 -17.99 -33.70
CA VAL C 189 7.02 -17.68 -33.28
C VAL C 189 6.85 -18.07 -31.81
N GLN C 190 6.50 -17.08 -30.97
CA GLN C 190 6.30 -17.31 -29.54
C GLN C 190 5.15 -16.40 -29.08
N LEU C 191 3.93 -16.85 -29.36
CA LEU C 191 2.75 -16.10 -28.91
C LEU C 191 2.56 -16.34 -27.42
N PRO C 192 2.33 -15.30 -26.62
CA PRO C 192 2.22 -15.51 -25.16
C PRO C 192 1.02 -16.35 -24.79
N VAL C 193 1.12 -17.01 -23.65
CA VAL C 193 0.05 -17.89 -23.17
C VAL C 193 -1.08 -17.04 -22.59
N GLN C 194 -2.09 -17.70 -22.02
CA GLN C 194 -3.27 -17.00 -21.54
C GLN C 194 -2.95 -16.15 -20.31
N ASP C 195 -3.48 -14.93 -20.30
CA ASP C 195 -3.26 -13.97 -19.23
C ASP C 195 -4.56 -13.74 -18.45
N TYR C 196 -4.43 -13.41 -17.16
CA TYR C 196 -5.56 -13.19 -16.28
C TYR C 196 -5.35 -11.94 -15.44
N THR C 197 -6.46 -11.27 -15.11
CA THR C 197 -6.45 -10.10 -14.24
C THR C 197 -5.99 -10.50 -12.84
N GLN C 198 -4.94 -9.86 -12.33
CA GLN C 198 -4.38 -10.22 -11.03
C GLN C 198 -5.29 -9.68 -9.93
N THR C 199 -6.08 -10.58 -9.32
CA THR C 199 -7.17 -10.14 -8.46
C THR C 199 -6.67 -9.50 -7.18
N VAL C 200 -5.71 -10.12 -6.51
CA VAL C 200 -5.15 -9.59 -5.27
C VAL C 200 -4.71 -8.13 -5.47
N ASN C 201 -4.13 -7.83 -6.64
CA ASN C 201 -3.75 -6.46 -6.94
C ASN C 201 -4.98 -5.57 -7.12
N VAL C 202 -6.03 -6.09 -7.77
CA VAL C 202 -7.24 -5.30 -7.98
C VAL C 202 -7.94 -5.03 -6.65
N VAL C 203 -7.89 -6.00 -5.73
CA VAL C 203 -8.42 -5.77 -4.38
C VAL C 203 -7.63 -4.66 -3.69
N ALA C 204 -6.31 -4.73 -3.76
CA ALA C 204 -5.46 -3.72 -3.14
C ALA C 204 -5.65 -2.35 -3.79
N TRP C 205 -5.89 -2.33 -5.10
CA TRP C 205 -6.15 -1.06 -5.77
C TRP C 205 -7.46 -0.45 -5.33
N LEU C 206 -8.47 -1.28 -5.04
CA LEU C 206 -9.75 -0.77 -4.58
C LEU C 206 -9.68 -0.29 -3.13
N TYR C 207 -8.92 -1.00 -2.29
CA TYR C 207 -8.65 -0.48 -0.94
C TYR C 207 -7.95 0.86 -1.02
N ALA C 208 -7.04 1.02 -1.97
CA ALA C 208 -6.42 2.31 -2.21
C ALA C 208 -7.47 3.36 -2.55
N ALA C 209 -8.48 2.98 -3.35
CA ALA C 209 -9.52 3.93 -3.70
C ALA C 209 -10.32 4.36 -2.46
N ILE C 210 -10.58 3.42 -1.55
CA ILE C 210 -11.33 3.75 -0.34
C ILE C 210 -10.53 4.71 0.53
N PHE C 211 -9.23 4.48 0.67
CA PHE C 211 -8.36 5.41 1.38
C PHE C 211 -8.34 6.80 0.76
N ASN C 212 -8.66 6.92 -0.53
CA ASN C 212 -8.66 8.19 -1.23
C ASN C 212 -10.07 8.73 -1.43
N ARG C 213 -10.99 8.39 -0.52
CA ARG C 213 -12.37 8.87 -0.55
C ARG C 213 -13.07 8.48 -1.85
N CYS C 214 -12.95 7.20 -2.22
CA CYS C 214 -13.66 6.67 -3.38
C CYS C 214 -14.18 5.27 -3.00
N ASN C 215 -15.42 5.23 -2.49
CA ASN C 215 -15.99 4.03 -1.91
C ASN C 215 -17.40 3.74 -2.42
N TRP C 216 -17.79 4.31 -3.57
CA TRP C 216 -19.14 4.13 -4.06
C TRP C 216 -19.44 2.70 -4.52
N PHE C 217 -18.42 1.86 -4.66
CA PHE C 217 -18.62 0.45 -5.02
C PHE C 217 -18.81 -0.44 -3.80
N VAL C 218 -18.41 0.01 -2.61
CA VAL C 218 -18.62 -0.77 -1.40
C VAL C 218 -20.11 -0.91 -1.15
N GLN C 219 -20.55 -2.13 -0.86
CA GLN C 219 -21.96 -2.39 -0.57
C GLN C 219 -22.05 -3.42 0.55
N SER C 220 -23.24 -4.00 0.72
CA SER C 220 -23.48 -4.93 1.82
C SER C 220 -23.09 -6.36 1.47
N ASP C 221 -23.25 -6.76 0.21
CA ASP C 221 -22.97 -8.12 -0.21
C ASP C 221 -21.49 -8.46 -0.05
N SER C 222 -21.24 -9.74 0.26
CA SER C 222 -19.88 -10.26 0.36
C SER C 222 -19.77 -11.50 -0.52
N CYS C 223 -18.56 -11.73 -1.02
CA CYS C 223 -18.23 -12.93 -1.78
C CYS C 223 -17.03 -13.59 -1.13
N SER C 224 -17.14 -14.88 -0.86
CA SER C 224 -16.05 -15.61 -0.23
C SER C 224 -14.82 -15.62 -1.14
N LEU C 225 -13.68 -16.00 -0.56
CA LEU C 225 -12.48 -16.21 -1.36
C LEU C 225 -12.62 -17.47 -2.22
N GLU C 226 -13.06 -18.58 -1.62
CA GLU C 226 -13.19 -19.83 -2.37
C GLU C 226 -14.34 -19.75 -3.36
N GLU C 227 -15.35 -18.94 -3.07
CA GLU C 227 -16.45 -18.73 -4.01
C GLU C 227 -16.06 -17.75 -5.12
N PHE C 228 -15.07 -16.90 -4.88
CA PHE C 228 -14.59 -16.02 -5.95
C PHE C 228 -13.79 -16.81 -6.98
N ASN C 229 -12.91 -17.71 -6.51
CA ASN C 229 -12.08 -18.48 -7.42
C ASN C 229 -12.92 -19.28 -8.39
N VAL C 230 -14.08 -19.78 -7.94
CA VAL C 230 -14.98 -20.51 -8.85
C VAL C 230 -15.43 -19.59 -9.97
N TRP C 231 -15.79 -18.35 -9.63
CA TRP C 231 -16.20 -17.34 -10.60
C TRP C 231 -15.04 -16.80 -11.44
N ALA C 232 -13.83 -16.81 -10.90
CA ALA C 232 -12.70 -16.18 -11.58
C ALA C 232 -12.23 -16.98 -12.79
N MET C 233 -12.32 -18.31 -12.73
CA MET C 233 -11.82 -19.16 -13.80
C MET C 233 -12.52 -18.89 -15.13
N THR C 234 -13.76 -18.41 -15.08
CA THR C 234 -14.57 -18.20 -16.27
C THR C 234 -14.75 -16.74 -16.64
N ASN C 235 -14.09 -15.80 -15.95
CA ASN C 235 -14.23 -14.40 -16.31
C ASN C 235 -12.91 -13.65 -16.27
N GLY C 236 -11.82 -14.33 -16.58
CA GLY C 236 -10.55 -13.64 -16.78
C GLY C 236 -9.88 -13.12 -15.53
N PHE C 237 -10.12 -13.74 -14.38
CA PHE C 237 -9.52 -13.30 -13.13
C PHE C 237 -8.70 -14.43 -12.51
N SER C 238 -7.63 -14.04 -11.82
CA SER C 238 -6.71 -14.99 -11.19
C SER C 238 -7.27 -15.47 -9.84
N SER C 239 -6.65 -16.51 -9.30
CA SER C 239 -6.98 -16.97 -7.96
C SER C 239 -6.51 -15.96 -6.92
N ILE C 240 -7.16 -16.00 -5.76
CA ILE C 240 -6.80 -15.14 -4.64
C ILE C 240 -6.60 -15.99 -3.40
N LYS C 241 -5.54 -15.69 -2.65
CA LYS C 241 -5.26 -16.31 -1.37
C LYS C 241 -5.40 -15.28 -0.26
N ALA C 242 -5.40 -15.75 0.98
CA ALA C 242 -5.36 -14.85 2.12
C ALA C 242 -4.05 -14.05 2.10
N ASP C 243 -4.12 -12.77 2.49
CA ASP C 243 -2.96 -11.90 2.50
C ASP C 243 -3.00 -11.04 3.75
N LEU C 244 -1.90 -11.04 4.50
CA LEU C 244 -1.85 -10.23 5.72
C LEU C 244 -2.03 -8.75 5.41
N VAL C 245 -1.41 -8.27 4.33
CA VAL C 245 -1.54 -6.86 3.97
C VAL C 245 -2.98 -6.54 3.62
N LEU C 246 -3.64 -7.41 2.87
CA LEU C 246 -5.06 -7.22 2.57
C LEU C 246 -5.89 -7.20 3.84
N ASP C 247 -5.52 -8.01 4.84
CA ASP C 247 -6.22 -7.95 6.12
C ASP C 247 -5.93 -6.64 6.85
N ALA C 248 -4.67 -6.20 6.83
CA ALA C 248 -4.33 -4.90 7.39
C ALA C 248 -5.12 -3.79 6.70
N LEU C 249 -5.13 -3.79 5.36
CA LEU C 249 -5.94 -2.82 4.63
C LEU C 249 -7.41 -2.95 5.00
N ALA C 250 -7.88 -4.19 5.20
CA ALA C 250 -9.30 -4.40 5.48
C ALA C 250 -9.69 -3.88 6.86
N SER C 251 -8.77 -3.93 7.82
CA SER C 251 -9.06 -3.42 9.15
C SER C 251 -9.01 -1.90 9.19
N MET C 252 -8.00 -1.30 8.56
CA MET C 252 -7.88 0.15 8.55
C MET C 252 -9.06 0.79 7.85
N THR C 253 -9.58 0.14 6.80
CA THR C 253 -10.66 0.73 6.01
C THR C 253 -12.02 0.49 6.64
N GLY C 254 -12.20 -0.61 7.37
CA GLY C 254 -13.50 -0.95 7.90
C GLY C 254 -14.40 -1.74 6.96
N VAL C 255 -13.88 -2.22 5.82
CA VAL C 255 -14.66 -3.07 4.93
C VAL C 255 -13.85 -4.31 4.58
N THR C 256 -14.52 -5.44 4.51
CA THR C 256 -13.87 -6.74 4.44
C THR C 256 -13.35 -7.01 3.03
N VAL C 257 -12.40 -7.96 2.96
CA VAL C 257 -11.95 -8.42 1.65
C VAL C 257 -13.12 -8.99 0.86
N GLU C 258 -14.04 -9.68 1.55
CA GLU C 258 -15.17 -10.31 0.89
C GLU C 258 -16.10 -9.27 0.26
N GLN C 259 -16.16 -8.07 0.82
CA GLN C 259 -16.93 -6.99 0.20
C GLN C 259 -16.25 -6.47 -1.06
N VAL C 260 -14.91 -6.40 -1.05
CA VAL C 260 -14.20 -5.94 -2.25
C VAL C 260 -14.30 -6.98 -3.35
N LEU C 261 -14.12 -8.26 -3.02
CA LEU C 261 -14.26 -9.31 -4.02
C LEU C 261 -15.64 -9.25 -4.66
N ALA C 262 -16.69 -9.06 -3.85
CA ALA C 262 -18.03 -8.94 -4.39
C ALA C 262 -18.18 -7.66 -5.21
N ALA C 263 -17.42 -6.61 -4.87
CA ALA C 263 -17.46 -5.40 -5.69
C ALA C 263 -16.78 -5.61 -7.03
N ILE C 264 -15.76 -6.48 -7.08
CA ILE C 264 -15.05 -6.69 -8.34
C ILE C 264 -15.94 -7.38 -9.35
N LYS C 265 -16.67 -8.43 -8.95
CA LYS C 265 -17.52 -9.14 -9.90
C LYS C 265 -18.67 -8.27 -10.39
N ARG C 266 -19.13 -7.33 -9.58
CA ARG C 266 -20.15 -6.39 -10.05
C ARG C 266 -19.57 -5.38 -11.03
N LEU C 267 -18.33 -4.95 -10.80
CA LEU C 267 -17.69 -3.98 -11.68
C LEU C 267 -17.00 -4.62 -12.88
N HIS C 268 -16.89 -5.95 -12.91
CA HIS C 268 -16.49 -6.63 -14.13
C HIS C 268 -17.48 -6.38 -15.26
N SER C 269 -18.74 -6.11 -14.93
CA SER C 269 -19.78 -5.82 -15.91
C SER C 269 -19.92 -4.33 -16.19
N GLY C 270 -18.84 -3.58 -16.09
CA GLY C 270 -18.87 -2.18 -16.45
C GLY C 270 -18.86 -1.29 -15.20
N PHE C 271 -18.24 -0.11 -15.35
CA PHE C 271 -18.14 0.90 -14.30
C PHE C 271 -19.30 1.90 -14.29
N GLN C 272 -20.15 1.94 -15.32
CA GLN C 272 -21.44 2.63 -15.30
C GLN C 272 -21.25 4.16 -15.22
N GLY C 273 -20.44 4.72 -16.12
CA GLY C 273 -20.09 6.14 -16.12
C GLY C 273 -19.10 6.63 -15.09
N LYS C 274 -19.00 5.97 -13.93
CA LYS C 274 -18.21 6.51 -12.85
C LYS C 274 -16.78 5.95 -12.84
N GLN C 275 -15.90 6.66 -12.14
CA GLN C 275 -14.47 6.41 -12.19
C GLN C 275 -13.91 6.01 -10.82
N ILE C 276 -12.92 5.11 -10.85
CA ILE C 276 -12.18 4.70 -9.66
C ILE C 276 -10.79 5.30 -9.78
N LEU C 277 -10.50 6.30 -8.95
CA LEU C 277 -9.21 7.00 -9.00
C LEU C 277 -8.93 7.51 -10.41
N GLY C 278 -9.96 8.06 -11.04
CA GLY C 278 -9.85 8.56 -12.39
C GLY C 278 -9.63 7.49 -13.45
N SER C 279 -10.00 6.24 -13.15
CA SER C 279 -9.81 5.14 -14.08
C SER C 279 -11.15 4.56 -14.52
N CYS C 280 -11.16 3.97 -15.71
CA CYS C 280 -12.33 3.31 -16.27
C CYS C 280 -12.25 1.79 -16.15
N VAL C 281 -11.08 1.24 -15.84
CA VAL C 281 -10.85 -0.20 -15.85
C VAL C 281 -10.12 -0.59 -14.57
N PHE C 282 -10.08 -1.90 -14.32
CA PHE C 282 -9.35 -2.39 -13.16
C PHE C 282 -7.85 -2.14 -13.32
N GLU C 283 -7.20 -1.73 -12.22
CA GLU C 283 -5.76 -1.58 -12.16
C GLU C 283 -5.20 -2.76 -11.38
N ASP C 284 -4.44 -3.63 -12.05
CA ASP C 284 -3.87 -4.80 -11.40
C ASP C 284 -2.34 -4.77 -11.40
N GLU C 285 -1.73 -3.59 -11.49
CA GLU C 285 -0.28 -3.48 -11.52
C GLU C 285 0.30 -3.03 -10.18
N LEU C 286 -0.49 -3.04 -9.11
CA LEU C 286 -0.03 -2.63 -7.79
C LEU C 286 -0.34 -3.74 -6.78
N THR C 287 0.70 -4.35 -6.22
CA THR C 287 0.56 -5.40 -5.24
C THR C 287 0.02 -4.81 -3.93
N PRO C 288 -0.44 -5.66 -3.00
CA PRO C 288 -0.84 -5.13 -1.69
C PRO C 288 0.25 -4.34 -0.98
N SER C 289 1.51 -4.78 -1.08
CA SER C 289 2.60 -4.05 -0.44
C SER C 289 2.85 -2.70 -1.11
N ASP C 290 2.67 -2.63 -2.43
CA ASP C 290 2.76 -1.34 -3.11
C ASP C 290 1.66 -0.40 -2.65
N VAL C 291 0.43 -0.91 -2.53
CA VAL C 291 -0.66 -0.09 -2.05
C VAL C 291 -0.46 0.25 -0.57
N TYR C 292 0.15 -0.68 0.18
CA TYR C 292 0.30 -0.46 1.62
C TYR C 292 1.30 0.64 1.93
N GLN C 293 2.38 0.73 1.15
CA GLN C 293 3.38 1.75 1.44
C GLN C 293 3.00 3.14 0.93
N GLN C 294 2.00 3.26 0.07
CA GLN C 294 1.48 4.56 -0.32
C GLN C 294 0.31 5.01 0.53
N LEU C 295 -0.15 4.17 1.47
CA LEU C 295 -1.20 4.53 2.41
C LEU C 295 -0.70 4.65 3.84
N ALA C 296 0.37 3.93 4.21
CA ALA C 296 0.96 4.08 5.53
C ALA C 296 2.47 4.31 5.41
N GLY C 297 3.17 3.38 4.75
CA GLY C 297 4.60 3.49 4.60
C GLY C 297 5.36 2.61 5.57
C4 02J D 1 -9.73 22.25 5.15
C5 02J D 1 -10.40 23.19 5.91
C6 02J D 1 -11.85 23.10 6.37
O1 02J D 1 -9.54 24.20 6.16
N 02J D 1 -8.32 23.89 5.57
CA 02J D 1 -8.44 22.70 4.94
C 02J D 1 -7.33 21.96 4.15
O 02J D 1 -7.31 20.75 4.07
N ALA D 2 -6.31 22.75 3.51
CA ALA D 2 -5.26 22.11 2.78
C ALA D 2 -4.35 21.48 3.84
N VAL D 3 -3.76 20.18 3.63
CA VAL D 3 -2.93 19.60 4.68
C VAL D 3 -1.46 19.90 4.47
N LEU D 4 -0.65 20.47 5.57
CA LEU D 4 0.74 20.73 5.33
C LEU D 4 1.40 19.32 5.34
CA PJE D 5 2.74 17.49 4.38
C20 PJE D 5 4.15 17.46 4.88
C21 PJE D 5 4.23 17.14 6.25
C PJE D 5 5.54 17.04 7.02
C25 PJE D 5 2.55 16.70 3.10
C26 PJE D 5 1.18 16.34 3.11
C27 PJE D 5 0.94 15.26 4.18
C28 PJE D 5 -0.06 14.47 3.64
N6 PJE D 5 0.15 14.52 2.12
C29 PJE D 5 0.85 15.59 1.81
O8 PJE D 5 1.20 15.94 0.68
N PJE D 5 2.22 18.86 4.22
O PJE D 5 6.30 16.17 6.79
C 010 D 6 5.80 17.49 9.37
O 010 D 6 5.84 18.02 8.02
C1 010 D 6 3.30 18.33 9.29
C2 010 D 6 2.05 18.52 9.90
C3 010 D 6 1.86 18.12 11.23
C4 010 D 6 2.91 17.53 11.94
C5 010 D 6 4.16 17.33 11.34
C6 010 D 6 4.36 17.74 10.01
C4 02J E 1 -17.63 -21.93 44.47
C5 02J E 1 -17.74 -23.08 45.22
C6 02J E 1 -16.99 -23.39 46.51
O1 02J E 1 -18.62 -23.90 44.61
N 02J E 1 -19.08 -23.25 43.45
CA 02J E 1 -18.47 -22.05 43.38
C 02J E 1 -18.69 -21.00 42.27
O 02J E 1 -19.04 -19.87 42.56
N ALA E 2 -18.47 -21.34 40.89
CA ALA E 2 -18.71 -20.36 39.86
C ALA E 2 -20.21 -20.15 39.78
N VAL E 3 -20.79 -18.90 39.31
CA VAL E 3 -22.25 -18.82 39.31
C VAL E 3 -22.79 -18.81 37.90
N LEU E 4 -23.83 -19.79 37.53
CA LEU E 4 -24.40 -19.86 36.21
C LEU E 4 -25.39 -18.71 35.97
CA PJE E 5 -25.91 -16.31 35.33
C20 PJE E 5 -26.59 -16.56 34.02
C21 PJE E 5 -27.95 -16.79 33.77
C PJE E 5 -29.12 -16.87 34.78
C25 PJE E 5 -25.15 -14.99 35.23
C26 PJE E 5 -24.36 -14.81 36.38
C27 PJE E 5 -25.20 -14.09 37.45
C28 PJE E 5 -24.29 -13.29 38.12
N6 PJE E 5 -23.20 -12.94 37.09
C29 PJE E 5 -23.24 -13.80 36.09
O8 PJE E 5 -22.51 -13.79 35.11
N PJE E 5 -24.94 -17.38 35.56
O PJE E 5 -30.23 -16.96 34.35
C 010 E 6 -29.83 -17.71 36.95
O 010 E 6 -28.92 -16.85 36.20
C1 010 E 6 -31.38 -17.06 38.98
C2 010 E 6 -32.37 -16.25 39.54
C3 010 E 6 -32.94 -15.21 38.80
C4 010 E 6 -32.52 -14.97 37.49
C5 010 E 6 -31.53 -15.78 36.92
C6 010 E 6 -30.96 -16.82 37.65
C4 02J F 1 7.47 -13.60 -36.10
C5 02J F 1 7.60 -14.60 -37.04
C6 02J F 1 6.80 -14.71 -38.34
O1 02J F 1 8.54 -15.46 -36.61
N 02J F 1 9.03 -15.00 -35.39
CA 02J F 1 8.36 -13.86 -35.08
C 02J F 1 8.59 -13.00 -33.81
O 02J F 1 8.38 -11.81 -33.83
N ALA F 2 9.05 -13.63 -32.58
CA ALA F 2 9.27 -12.82 -31.41
C ALA F 2 10.57 -12.06 -31.69
N VAL F 3 10.78 -10.69 -31.25
CA VAL F 3 12.04 -10.03 -31.59
C VAL F 3 13.08 -10.15 -30.50
N LEU F 4 14.41 -10.71 -30.82
CA LEU F 4 15.42 -10.80 -29.79
C LEU F 4 15.73 -9.33 -29.49
CA PJE F 5 15.91 -7.34 -28.04
C20 PJE F 5 17.31 -7.08 -27.59
C21 PJE F 5 18.10 -6.67 -28.66
C PJE F 5 19.58 -6.30 -28.55
C25 PJE F 5 14.84 -6.61 -27.25
C26 PJE F 5 13.76 -6.43 -28.14
C27 PJE F 5 14.17 -5.43 -29.24
C28 PJE F 5 12.99 -4.77 -29.54
N6 PJE F 5 12.16 -4.77 -28.25
C29 PJE F 5 12.59 -5.72 -27.44
O8 PJE F 5 12.14 -5.99 -26.33
N PJE F 5 15.60 -8.78 -28.15
O PJE F 5 19.91 -5.25 -28.09
C 010 F 6 21.30 -6.59 -30.16
O 010 F 6 20.58 -7.18 -29.04
C1 010 F 6 19.84 -8.30 -31.50
C2 010 F 6 19.35 -8.85 -32.70
C3 010 F 6 19.78 -8.36 -33.94
C4 010 F 6 20.68 -7.28 -33.95
C5 010 F 6 21.17 -6.71 -32.77
C6 010 F 6 20.75 -7.23 -31.53
#